data_6TPH
#
_entry.id   6TPH
#
loop_
_entity.id
_entity.type
_entity.pdbx_description
1 polymer '50S ribosomal protein L7Ae'
2 polymer 'RNA (26-MER)'
#
loop_
_entity_poly.entity_id
_entity_poly.type
_entity_poly.pdbx_seq_one_letter_code
_entity_poly.pdbx_strand_id
1 'polypeptide(L)'
;MAKPSYVKFEVPKELAEKALQAVEIARDTGKIRKGTNETTKAVERGQAKLVIIAEDVDPEEIVAHLPPLCEEKEIPYIYV
PSKKELGAAAGIEVAAASVAIIEPGKARDLVEEIAMKVKELMK
;
A
2 'polyribonucleotide' GCUGAGCUCGAAAGAGCAAUGAUGUC B
#
# COMPACT_ATOMS: atom_id res chain seq x y z
N LYS A 3 8.67 11.21 11.52
CA LYS A 3 8.76 9.91 10.84
C LYS A 3 8.89 8.73 11.79
N PRO A 4 8.23 7.61 11.55
CA PRO A 4 8.12 6.50 12.53
C PRO A 4 9.34 5.68 12.49
N SER A 5 9.47 4.57 13.29
CA SER A 5 10.57 3.69 13.34
C SER A 5 10.69 2.68 12.14
N TYR A 6 9.59 2.43 11.39
CA TYR A 6 9.53 1.34 10.39
C TYR A 6 9.54 1.81 8.88
N VAL A 7 9.82 3.10 8.67
CA VAL A 7 10.13 3.58 7.32
C VAL A 7 11.42 3.00 6.81
N LYS A 8 11.36 2.01 5.83
CA LYS A 8 12.53 1.38 5.28
C LYS A 8 13.12 2.25 4.12
N PHE A 9 12.43 3.26 3.63
CA PHE A 9 12.96 4.25 2.75
C PHE A 9 12.13 5.54 2.90
N GLU A 10 12.71 6.72 2.72
CA GLU A 10 12.10 8.03 2.75
C GLU A 10 11.50 8.49 1.42
N VAL A 11 10.53 9.40 1.43
CA VAL A 11 9.69 9.75 0.23
C VAL A 11 9.54 11.24 0.08
N PRO A 12 9.59 11.78 -1.15
CA PRO A 12 9.18 13.22 -1.42
C PRO A 12 7.64 13.38 -1.21
N LYS A 13 7.09 14.52 -1.70
CA LYS A 13 5.64 14.74 -1.98
C LYS A 13 5.04 13.90 -3.06
N GLU A 14 5.91 13.23 -3.90
CA GLU A 14 5.55 12.41 -5.03
C GLU A 14 5.70 10.88 -4.65
N LEU A 15 5.37 9.96 -5.59
CA LEU A 15 5.43 8.47 -5.49
C LEU A 15 4.37 7.98 -4.51
N ALA A 16 4.43 8.48 -3.27
CA ALA A 16 3.27 8.19 -2.29
C ALA A 16 1.91 8.94 -2.69
N GLU A 17 2.02 10.11 -3.31
CA GLU A 17 0.72 10.76 -3.84
C GLU A 17 0.24 9.98 -5.14
N LYS A 18 1.14 9.51 -6.01
CA LYS A 18 0.80 8.71 -7.22
C LYS A 18 0.23 7.38 -6.75
N ALA A 19 0.69 6.77 -5.65
CA ALA A 19 0.03 5.58 -5.09
C ALA A 19 -1.39 5.91 -4.55
N LEU A 20 -1.63 7.08 -3.96
CA LEU A 20 -2.92 7.49 -3.36
C LEU A 20 -3.97 7.50 -4.47
N GLN A 21 -3.73 8.07 -5.62
CA GLN A 21 -4.64 8.12 -6.78
C GLN A 21 -4.66 6.79 -7.57
N ALA A 22 -3.64 5.91 -7.44
CA ALA A 22 -3.69 4.50 -7.91
C ALA A 22 -4.78 3.78 -7.07
N VAL A 23 -4.82 3.96 -5.76
CA VAL A 23 -5.84 3.28 -4.88
C VAL A 23 -7.25 3.73 -5.26
N GLU A 24 -7.37 5.00 -5.63
CA GLU A 24 -8.69 5.45 -6.15
C GLU A 24 -9.14 4.81 -7.44
N ILE A 25 -8.20 4.63 -8.40
CA ILE A 25 -8.59 4.20 -9.76
C ILE A 25 -8.87 2.66 -9.71
N ALA A 26 -8.15 1.89 -8.85
CA ALA A 26 -8.42 0.41 -8.68
C ALA A 26 -9.78 0.06 -8.01
N ARG A 27 -10.24 1.02 -7.21
CA ARG A 27 -11.41 1.01 -6.32
C ARG A 27 -12.71 0.44 -6.93
N ASP A 28 -13.11 1.01 -8.10
CA ASP A 28 -14.33 0.53 -8.86
C ASP A 28 -14.00 -0.19 -10.17
N THR A 29 -13.00 0.38 -10.85
CA THR A 29 -12.45 -0.32 -12.10
C THR A 29 -11.69 -1.68 -11.91
N GLY A 30 -11.15 -1.99 -10.72
CA GLY A 30 -10.36 -3.25 -10.44
C GLY A 30 -10.82 -3.90 -9.06
N LYS A 31 -9.88 -4.46 -8.21
CA LYS A 31 -10.19 -5.15 -6.97
C LYS A 31 -9.32 -4.70 -5.83
N ILE A 32 -9.89 -4.15 -4.78
CA ILE A 32 -9.24 -3.50 -3.69
C ILE A 32 -9.71 -4.22 -2.32
N ARG A 33 -8.90 -4.27 -1.28
CA ARG A 33 -9.19 -4.81 -0.02
C ARG A 33 -8.69 -3.87 1.07
N LYS A 34 -9.44 -3.80 2.18
CA LYS A 34 -9.56 -2.70 3.04
C LYS A 34 -9.24 -3.08 4.44
N GLY A 35 -8.28 -2.39 5.11
CA GLY A 35 -7.87 -2.65 6.51
C GLY A 35 -6.76 -3.58 6.60
N THR A 36 -6.05 -3.59 7.71
CA THR A 36 -4.82 -4.28 7.76
C THR A 36 -4.97 -5.80 7.81
N ASN A 37 -6.05 -6.33 8.42
CA ASN A 37 -6.25 -7.76 8.31
C ASN A 37 -6.52 -8.28 6.89
N GLU A 38 -7.47 -7.61 6.19
CA GLU A 38 -7.69 -7.93 4.75
C GLU A 38 -6.44 -7.67 3.91
N THR A 39 -5.57 -6.73 4.32
CA THR A 39 -4.30 -6.47 3.62
C THR A 39 -3.37 -7.69 3.84
N THR A 40 -3.32 -8.19 5.09
CA THR A 40 -2.48 -9.31 5.46
C THR A 40 -2.92 -10.61 4.74
N LYS A 41 -4.28 -10.86 4.67
CA LYS A 41 -4.93 -11.98 3.92
C LYS A 41 -4.53 -11.83 2.40
N ALA A 42 -4.56 -10.66 1.90
CA ALA A 42 -4.36 -10.47 0.47
C ALA A 42 -3.01 -11.03 -0.04
N VAL A 43 -1.97 -10.89 0.81
CA VAL A 43 -0.62 -11.38 0.67
C VAL A 43 -0.59 -12.94 0.77
N GLU A 44 -1.12 -13.46 1.90
CA GLU A 44 -0.95 -14.90 2.22
C GLU A 44 -1.71 -15.92 1.38
N ARG A 45 -2.86 -15.45 0.88
CA ARG A 45 -3.48 -16.13 -0.25
C ARG A 45 -2.80 -16.19 -1.60
N GLY A 46 -1.55 -15.70 -1.62
CA GLY A 46 -0.50 -16.09 -2.52
C GLY A 46 -0.10 -15.10 -3.57
N GLN A 47 -0.93 -14.07 -3.89
CA GLN A 47 -0.71 -13.08 -5.03
C GLN A 47 -1.52 -11.76 -4.92
N ALA A 48 -1.04 -10.86 -4.05
CA ALA A 48 -1.31 -9.46 -4.09
C ALA A 48 -0.51 -8.88 -5.33
N LYS A 49 -0.96 -7.68 -5.79
CA LYS A 49 -0.28 -6.93 -6.81
C LYS A 49 0.59 -5.82 -6.23
N LEU A 50 0.17 -5.15 -5.12
CA LEU A 50 0.96 -4.23 -4.39
C LEU A 50 0.25 -4.05 -2.98
N VAL A 51 0.96 -3.52 -2.00
CA VAL A 51 0.34 -3.09 -0.72
C VAL A 51 0.71 -1.71 -0.24
N ILE A 52 -0.22 -0.94 0.33
CA ILE A 52 -0.12 0.46 0.80
C ILE A 52 -0.31 0.55 2.35
N ILE A 53 0.48 1.39 2.95
CA ILE A 53 0.54 1.64 4.43
C ILE A 53 0.59 3.10 4.73
N ALA A 54 -0.02 3.39 5.80
CA ALA A 54 -0.13 4.75 6.33
C ALA A 54 1.16 5.08 7.09
N GLU A 55 1.85 6.19 6.94
CA GLU A 55 3.02 6.56 7.70
C GLU A 55 2.79 6.98 9.17
N ASP A 56 1.56 7.37 9.51
CA ASP A 56 1.18 7.89 10.81
C ASP A 56 0.62 6.87 11.78
N VAL A 57 0.70 5.52 11.65
CA VAL A 57 0.24 4.45 12.62
C VAL A 57 0.82 4.50 14.13
N ASP A 58 -0.03 4.23 15.10
CA ASP A 58 0.18 4.22 16.55
C ASP A 58 -0.80 3.24 17.25
N PRO A 59 -0.40 2.03 17.63
CA PRO A 59 0.99 1.62 17.73
C PRO A 59 1.69 1.33 16.36
N GLU A 60 2.97 1.74 16.09
CA GLU A 60 3.57 1.45 14.78
C GLU A 60 3.85 -0.02 14.55
N GLU A 61 4.00 -0.74 15.61
CA GLU A 61 4.33 -2.15 15.65
C GLU A 61 3.26 -3.08 15.00
N ILE A 62 2.03 -2.53 14.78
CA ILE A 62 0.88 -3.31 14.32
C ILE A 62 0.96 -3.53 12.78
N VAL A 63 1.71 -2.66 12.05
CA VAL A 63 2.03 -2.88 10.62
C VAL A 63 3.42 -3.43 10.33
N ALA A 64 4.22 -3.55 11.43
CA ALA A 64 5.68 -3.95 11.26
C ALA A 64 5.80 -5.33 10.65
N HIS A 65 4.77 -6.17 10.63
CA HIS A 65 4.86 -7.52 10.03
C HIS A 65 4.75 -7.40 8.49
N LEU A 66 4.29 -6.30 7.85
CA LEU A 66 4.06 -6.19 6.37
C LEU A 66 5.37 -6.15 5.55
N PRO A 67 6.44 -5.33 5.85
CA PRO A 67 7.67 -5.34 5.05
C PRO A 67 8.33 -6.77 5.05
N PRO A 68 8.64 -7.37 6.21
CA PRO A 68 9.16 -8.72 6.26
C PRO A 68 8.28 -9.67 5.40
N LEU A 69 6.97 -9.78 5.58
CA LEU A 69 6.03 -10.62 4.86
C LEU A 69 6.13 -10.38 3.32
N CYS A 70 6.26 -9.16 2.95
CA CYS A 70 6.53 -8.62 1.56
C CYS A 70 7.91 -8.97 1.00
N GLU A 71 8.93 -9.12 1.76
CA GLU A 71 10.18 -9.82 1.36
C GLU A 71 10.09 -11.33 1.24
N GLU A 72 9.25 -12.03 2.03
CA GLU A 72 9.03 -13.49 1.82
C GLU A 72 8.25 -13.77 0.56
N LYS A 73 7.19 -12.96 0.22
CA LYS A 73 6.27 -13.20 -0.88
C LYS A 73 6.62 -12.55 -2.28
N GLU A 74 7.73 -11.79 -2.29
CA GLU A 74 8.32 -10.99 -3.34
C GLU A 74 7.43 -9.83 -3.85
N ILE A 75 6.73 -9.19 -2.88
CA ILE A 75 5.65 -8.35 -3.19
C ILE A 75 6.14 -6.92 -2.88
N PRO A 76 5.94 -5.95 -3.72
CA PRO A 76 6.31 -4.54 -3.49
C PRO A 76 5.20 -3.68 -2.74
N TYR A 77 5.67 -2.76 -1.96
CA TYR A 77 4.86 -2.00 -0.97
C TYR A 77 5.24 -0.53 -0.92
N ILE A 78 4.38 0.38 -0.41
CA ILE A 78 4.73 1.88 -0.32
C ILE A 78 3.88 2.62 0.76
N TYR A 79 4.54 3.59 1.38
CA TYR A 79 3.95 4.37 2.46
C TYR A 79 3.19 5.60 1.93
N VAL A 80 2.10 6.09 2.58
CA VAL A 80 1.38 7.32 2.17
C VAL A 80 1.06 8.17 3.40
N PRO A 81 0.79 9.50 3.36
CA PRO A 81 1.02 10.44 4.47
C PRO A 81 0.15 10.29 5.73
N SER A 82 -1.04 9.66 5.59
CA SER A 82 -1.98 9.38 6.65
C SER A 82 -2.99 8.28 6.49
N LYS A 83 -3.33 7.61 7.61
CA LYS A 83 -4.37 6.62 7.65
C LYS A 83 -5.75 7.27 7.24
N LYS A 84 -6.02 8.50 7.60
CA LYS A 84 -7.29 9.15 7.30
C LYS A 84 -7.37 9.45 5.83
N GLU A 85 -6.25 9.74 5.05
CA GLU A 85 -6.43 10.02 3.62
C GLU A 85 -6.33 8.70 2.88
N LEU A 86 -5.70 7.64 3.46
CA LEU A 86 -5.76 6.28 2.92
C LEU A 86 -7.11 5.63 2.89
N GLY A 87 -7.90 5.76 3.98
CA GLY A 87 -9.34 5.45 4.18
C GLY A 87 -10.17 6.14 3.08
N ALA A 88 -10.03 7.50 2.94
CA ALA A 88 -10.75 8.22 1.88
C ALA A 88 -10.51 7.75 0.47
N ALA A 89 -9.32 7.61 -0.02
CA ALA A 89 -8.87 6.87 -1.19
C ALA A 89 -9.52 5.45 -1.36
N ALA A 90 -9.59 4.65 -0.23
CA ALA A 90 -10.16 3.30 -0.25
C ALA A 90 -11.75 3.32 -0.34
N GLY A 91 -12.46 4.45 -0.30
CA GLY A 91 -13.84 4.73 -0.49
C GLY A 91 -14.58 4.79 0.86
N ILE A 92 -13.90 4.76 1.97
CA ILE A 92 -14.52 4.66 3.34
C ILE A 92 -14.10 5.94 4.17
N GLU A 93 -14.87 6.15 5.21
CA GLU A 93 -14.79 7.40 6.05
C GLU A 93 -14.06 7.30 7.44
N VAL A 94 -13.88 6.05 7.95
CA VAL A 94 -12.91 5.68 9.02
C VAL A 94 -11.51 5.70 8.49
N ALA A 95 -10.46 6.00 9.28
CA ALA A 95 -9.06 5.73 8.97
C ALA A 95 -8.59 4.24 8.57
N ALA A 96 -7.65 4.06 7.65
CA ALA A 96 -7.15 2.69 7.31
C ALA A 96 -5.56 2.75 7.33
N ALA A 97 -5.10 1.90 8.30
CA ALA A 97 -3.70 1.75 8.56
C ALA A 97 -3.01 1.13 7.35
N SER A 98 -3.65 0.21 6.62
CA SER A 98 -3.21 -0.28 5.35
C SER A 98 -4.37 -0.69 4.41
N VAL A 99 -4.06 -0.91 3.14
CA VAL A 99 -4.83 -1.31 1.90
C VAL A 99 -4.00 -2.24 1.05
N ALA A 100 -4.70 -3.17 0.35
CA ALA A 100 -4.08 -4.07 -0.68
C ALA A 100 -4.78 -4.01 -2.04
N ILE A 101 -4.01 -4.19 -3.10
CA ILE A 101 -4.51 -4.25 -4.54
C ILE A 101 -4.51 -5.69 -5.00
N ILE A 102 -5.66 -6.21 -5.28
CA ILE A 102 -5.85 -7.57 -5.82
C ILE A 102 -5.81 -7.58 -7.39
N GLU A 103 -6.40 -6.55 -7.98
CA GLU A 103 -6.43 -6.26 -9.44
C GLU A 103 -6.43 -4.69 -9.71
N PRO A 104 -5.45 -4.13 -10.46
CA PRO A 104 -5.39 -2.72 -10.60
C PRO A 104 -6.59 -2.13 -11.42
N GLY A 105 -7.41 -2.91 -12.10
CA GLY A 105 -8.39 -2.37 -13.04
C GLY A 105 -7.77 -1.67 -14.16
N LYS A 106 -8.21 -0.40 -14.41
CA LYS A 106 -7.65 0.66 -15.25
C LYS A 106 -6.17 0.90 -14.91
N ALA A 107 -5.76 0.80 -13.67
CA ALA A 107 -4.48 1.25 -13.27
C ALA A 107 -3.29 0.30 -13.49
N ARG A 108 -3.34 -0.66 -14.46
CA ARG A 108 -2.23 -1.63 -14.66
C ARG A 108 -0.82 -1.03 -14.86
N ASP A 109 -0.72 -0.09 -15.79
CA ASP A 109 0.53 0.50 -16.27
C ASP A 109 0.97 1.55 -15.24
N LEU A 110 0.05 2.17 -14.44
CA LEU A 110 0.28 3.08 -13.28
C LEU A 110 0.88 2.26 -12.07
N VAL A 111 0.44 1.01 -11.90
CA VAL A 111 1.11 0.13 -10.93
C VAL A 111 2.49 -0.36 -11.40
N GLU A 112 2.66 -0.57 -12.69
CA GLU A 112 3.86 -1.10 -13.27
C GLU A 112 5.00 -0.04 -13.16
N GLU A 113 4.73 1.19 -13.60
CA GLU A 113 5.77 2.28 -13.47
C GLU A 113 6.16 2.61 -12.05
N ILE A 114 5.33 2.47 -11.04
CA ILE A 114 5.79 2.77 -9.68
C ILE A 114 6.39 1.51 -9.05
N ALA A 115 5.99 0.29 -9.40
CA ALA A 115 6.50 -0.99 -8.90
C ALA A 115 7.99 -1.12 -9.19
N MET A 116 8.34 -0.81 -10.47
CA MET A 116 9.76 -0.69 -11.05
C MET A 116 10.62 0.27 -10.25
N LYS A 117 10.00 1.43 -9.81
CA LYS A 117 10.76 2.45 -8.98
C LYS A 117 10.92 2.13 -7.53
N VAL A 118 9.86 1.53 -6.99
CA VAL A 118 9.99 0.82 -5.70
C VAL A 118 11.09 -0.24 -5.68
N LYS A 119 11.29 -1.00 -6.73
CA LYS A 119 12.23 -2.11 -6.73
C LYS A 119 13.72 -1.64 -6.71
N GLU A 120 13.98 -0.43 -7.22
CA GLU A 120 15.26 0.23 -7.12
C GLU A 120 15.59 1.05 -5.83
N LEU A 121 14.62 1.84 -5.26
CA LEU A 121 14.80 2.59 -4.04
C LEU A 121 14.77 1.66 -2.77
N MET A 122 14.38 0.44 -2.88
CA MET A 122 14.49 -0.64 -1.89
C MET A 122 15.94 -1.22 -1.85
N LYS A 123 16.86 -0.94 -2.81
CA LYS A 123 18.18 -1.70 -2.86
C LYS A 123 19.21 -0.93 -2.05
N LYS A 3 9.76 10.09 12.50
CA LYS A 3 9.35 9.01 11.53
C LYS A 3 9.20 7.68 12.30
N PRO A 4 8.27 6.86 11.89
CA PRO A 4 8.08 5.56 12.58
C PRO A 4 9.21 4.63 12.31
N SER A 5 9.25 3.52 13.01
CA SER A 5 10.21 2.43 12.81
C SER A 5 10.06 1.63 11.52
N TYR A 6 8.94 1.54 10.87
CA TYR A 6 8.65 0.60 9.72
C TYR A 6 9.03 1.20 8.40
N VAL A 7 9.29 2.45 8.27
CA VAL A 7 9.69 3.12 7.04
C VAL A 7 11.09 2.79 6.62
N LYS A 8 11.31 1.81 5.71
CA LYS A 8 12.62 1.29 5.24
C LYS A 8 13.33 2.26 4.25
N PHE A 9 12.62 3.32 3.78
CA PHE A 9 13.18 4.35 2.91
C PHE A 9 12.35 5.71 3.09
N GLU A 10 12.91 6.85 2.68
CA GLU A 10 12.16 8.08 2.43
C GLU A 10 11.38 7.91 1.09
N VAL A 11 10.19 8.53 1.15
CA VAL A 11 9.31 8.75 0.00
C VAL A 11 9.00 10.27 -0.08
N PRO A 12 9.38 10.90 -1.22
CA PRO A 12 9.22 12.34 -1.44
C PRO A 12 7.75 12.76 -1.73
N LYS A 13 7.63 14.01 -2.26
CA LYS A 13 6.36 14.69 -2.71
C LYS A 13 5.66 13.86 -3.84
N GLU A 14 6.52 13.37 -4.73
CA GLU A 14 6.11 12.38 -5.80
C GLU A 14 6.14 10.97 -5.30
N LEU A 15 5.71 9.97 -6.04
CA LEU A 15 5.61 8.57 -5.70
C LEU A 15 4.56 8.24 -4.67
N ALA A 16 4.58 8.85 -3.45
CA ALA A 16 3.49 8.76 -2.48
C ALA A 16 2.10 9.13 -3.06
N GLU A 17 2.01 10.36 -3.69
CA GLU A 17 0.76 10.79 -4.34
C GLU A 17 0.25 9.89 -5.52
N LYS A 18 1.19 9.17 -6.10
CA LYS A 18 0.97 8.19 -7.18
C LYS A 18 0.40 6.90 -6.63
N ALA A 19 0.89 6.39 -5.56
CA ALA A 19 0.27 5.28 -4.90
C ALA A 19 -1.17 5.60 -4.39
N LEU A 20 -1.35 6.82 -3.93
CA LEU A 20 -2.69 7.34 -3.49
C LEU A 20 -3.65 7.43 -4.62
N GLN A 21 -3.31 8.12 -5.72
CA GLN A 21 -4.18 8.25 -6.91
C GLN A 21 -4.51 6.95 -7.61
N ALA A 22 -3.65 5.96 -7.55
CA ALA A 22 -3.95 4.61 -8.05
C ALA A 22 -4.98 3.91 -7.24
N VAL A 23 -4.99 4.13 -5.92
CA VAL A 23 -5.94 3.43 -5.08
C VAL A 23 -7.32 3.81 -5.48
N GLU A 24 -7.62 5.12 -5.76
CA GLU A 24 -8.82 5.65 -6.33
C GLU A 24 -9.34 4.91 -7.56
N ILE A 25 -8.39 4.57 -8.43
CA ILE A 25 -8.73 3.82 -9.64
C ILE A 25 -9.12 2.39 -9.33
N ALA A 26 -8.22 1.66 -8.67
CA ALA A 26 -8.36 0.25 -8.39
C ALA A 26 -9.59 -0.06 -7.55
N ARG A 27 -9.94 0.85 -6.56
CA ARG A 27 -11.28 0.90 -5.76
C ARG A 27 -12.51 0.66 -6.68
N ASP A 28 -12.74 1.26 -7.85
CA ASP A 28 -14.00 1.12 -8.62
C ASP A 28 -13.79 0.64 -10.04
N THR A 29 -12.59 0.39 -10.53
CA THR A 29 -12.38 -0.29 -11.80
C THR A 29 -12.03 -1.76 -11.62
N GLY A 30 -11.59 -2.16 -10.44
CA GLY A 30 -10.85 -3.42 -10.23
C GLY A 30 -11.29 -4.14 -8.98
N LYS A 31 -10.34 -4.73 -8.20
CA LYS A 31 -10.54 -5.43 -6.81
C LYS A 31 -9.52 -4.94 -5.86
N ILE A 32 -9.91 -4.72 -4.62
CA ILE A 32 -9.16 -3.99 -3.56
C ILE A 32 -9.49 -4.64 -2.19
N ARG A 33 -8.54 -4.61 -1.28
CA ARG A 33 -8.73 -4.92 0.15
C ARG A 33 -8.24 -3.82 1.08
N LYS A 34 -8.98 -3.52 2.14
CA LYS A 34 -8.74 -2.39 3.01
C LYS A 34 -8.79 -2.66 4.56
N GLY A 35 -7.77 -2.17 5.23
CA GLY A 35 -7.59 -2.51 6.68
C GLY A 35 -6.50 -3.56 6.79
N THR A 36 -5.66 -3.58 7.87
CA THR A 36 -4.50 -4.36 8.10
C THR A 36 -4.70 -5.84 8.13
N ASN A 37 -5.78 -6.34 8.73
CA ASN A 37 -6.18 -7.82 8.72
C ASN A 37 -6.57 -8.38 7.32
N GLU A 38 -7.29 -7.56 6.55
CA GLU A 38 -7.64 -7.84 5.10
C GLU A 38 -6.36 -7.72 4.14
N THR A 39 -5.53 -6.71 4.32
CA THR A 39 -4.21 -6.59 3.78
C THR A 39 -3.31 -7.79 4.15
N THR A 40 -3.24 -8.21 5.41
CA THR A 40 -2.47 -9.35 5.77
C THR A 40 -3.03 -10.74 5.21
N LYS A 41 -4.35 -10.73 5.01
CA LYS A 41 -5.03 -11.87 4.47
C LYS A 41 -4.54 -11.99 3.01
N ALA A 42 -4.53 -10.87 2.29
CA ALA A 42 -4.29 -10.82 0.87
C ALA A 42 -2.85 -11.22 0.58
N VAL A 43 -1.87 -10.66 1.33
CA VAL A 43 -0.45 -10.83 1.04
C VAL A 43 0.08 -12.22 1.33
N GLU A 44 -0.47 -12.95 2.27
CA GLU A 44 -0.09 -14.38 2.52
C GLU A 44 -0.87 -15.35 1.53
N ARG A 45 -1.97 -14.84 0.94
CA ARG A 45 -2.93 -15.64 0.17
C ARG A 45 -2.53 -15.89 -1.27
N GLY A 46 -2.07 -14.91 -2.05
CA GLY A 46 -1.93 -15.01 -3.52
C GLY A 46 -1.25 -13.75 -4.05
N GLN A 47 -1.13 -13.65 -5.40
CA GLN A 47 -0.48 -12.58 -6.08
C GLN A 47 -1.24 -11.29 -5.98
N ALA A 48 -0.99 -10.56 -4.91
CA ALA A 48 -1.37 -9.17 -4.88
C ALA A 48 -0.44 -8.35 -5.85
N LYS A 49 -0.75 -7.12 -6.17
CA LYS A 49 -0.06 -6.29 -7.17
C LYS A 49 0.64 -5.09 -6.60
N LEU A 50 0.11 -4.55 -5.48
CA LEU A 50 0.81 -3.59 -4.62
C LEU A 50 0.28 -3.75 -3.18
N VAL A 51 1.00 -3.19 -2.27
CA VAL A 51 0.46 -2.91 -0.92
C VAL A 51 0.99 -1.56 -0.47
N ILE A 52 0.12 -0.80 0.16
CA ILE A 52 0.26 0.58 0.53
C ILE A 52 0.04 0.58 2.03
N ILE A 53 0.99 1.24 2.71
CA ILE A 53 0.95 1.39 4.17
C ILE A 53 0.93 2.86 4.55
N ALA A 54 0.23 3.32 5.56
CA ALA A 54 0.32 4.72 6.03
C ALA A 54 1.48 5.09 7.06
N GLU A 55 1.63 6.37 7.47
CA GLU A 55 2.81 6.74 8.34
C GLU A 55 2.40 7.23 9.75
N ASP A 56 1.12 7.51 9.98
CA ASP A 56 0.58 7.90 11.28
C ASP A 56 -0.01 6.71 12.14
N VAL A 57 0.36 5.49 11.74
CA VAL A 57 -0.05 4.32 12.54
C VAL A 57 0.71 4.29 13.88
N ASP A 58 -0.07 4.05 14.93
CA ASP A 58 0.34 4.12 16.39
C ASP A 58 -0.66 3.29 17.26
N PRO A 59 -0.38 2.21 18.01
CA PRO A 59 1.01 1.68 18.10
C PRO A 59 1.63 1.20 16.79
N GLU A 60 2.84 1.66 16.47
CA GLU A 60 3.61 1.41 15.18
C GLU A 60 3.81 -0.09 14.89
N GLU A 61 3.93 -0.86 15.98
CA GLU A 61 4.10 -2.31 15.94
C GLU A 61 3.05 -3.09 15.05
N ILE A 62 1.79 -2.52 14.95
CA ILE A 62 0.65 -3.32 14.38
C ILE A 62 0.78 -3.46 12.86
N VAL A 63 1.69 -2.70 12.24
CA VAL A 63 2.06 -2.85 10.77
C VAL A 63 3.49 -3.37 10.58
N ALA A 64 4.36 -3.36 11.59
CA ALA A 64 5.75 -3.76 11.52
C ALA A 64 5.99 -5.18 10.95
N HIS A 65 4.93 -6.07 10.88
CA HIS A 65 4.92 -7.38 10.20
C HIS A 65 4.95 -7.33 8.66
N LEU A 66 4.54 -6.19 8.09
CA LEU A 66 4.36 -6.10 6.64
C LEU A 66 5.64 -5.99 5.83
N PRO A 67 6.58 -5.01 6.17
CA PRO A 67 7.76 -4.92 5.31
C PRO A 67 8.69 -6.19 5.16
N PRO A 68 8.92 -6.99 6.23
CA PRO A 68 9.59 -8.30 6.16
C PRO A 68 8.72 -9.36 5.49
N LEU A 69 7.39 -9.27 5.61
CA LEU A 69 6.45 -10.24 4.95
C LEU A 69 6.36 -10.02 3.45
N CYS A 70 6.33 -8.77 3.03
CA CYS A 70 6.27 -8.42 1.56
C CYS A 70 7.55 -8.83 0.76
N GLU A 71 8.81 -8.88 1.32
CA GLU A 71 9.96 -9.54 0.69
C GLU A 71 9.79 -11.03 0.72
N GLU A 72 9.24 -11.59 1.74
CA GLU A 72 8.99 -13.06 1.90
C GLU A 72 7.85 -13.73 1.04
N LYS A 73 6.82 -13.00 0.65
CA LYS A 73 5.78 -13.29 -0.35
C LYS A 73 6.01 -12.57 -1.68
N GLU A 74 7.13 -11.91 -1.93
CA GLU A 74 7.50 -11.23 -3.20
C GLU A 74 6.42 -10.17 -3.68
N ILE A 75 5.85 -9.45 -2.73
CA ILE A 75 5.03 -8.24 -3.02
C ILE A 75 5.75 -6.87 -2.90
N PRO A 76 5.68 -5.96 -3.91
CA PRO A 76 6.16 -4.57 -3.86
C PRO A 76 5.35 -3.64 -2.94
N TYR A 77 6.03 -2.89 -2.05
CA TYR A 77 5.44 -2.06 -1.02
C TYR A 77 5.87 -0.63 -0.95
N ILE A 78 4.93 0.24 -0.51
CA ILE A 78 5.15 1.71 -0.45
C ILE A 78 4.37 2.35 0.70
N TYR A 79 4.89 3.49 1.18
CA TYR A 79 4.35 4.31 2.29
C TYR A 79 3.67 5.62 1.85
N VAL A 80 2.60 6.07 2.55
CA VAL A 80 1.77 7.34 2.39
C VAL A 80 1.47 8.11 3.70
N PRO A 81 1.27 9.44 3.75
CA PRO A 81 1.41 10.28 4.96
C PRO A 81 0.42 9.97 6.01
N SER A 82 -0.75 9.45 5.69
CA SER A 82 -1.83 9.30 6.66
C SER A 82 -2.98 8.28 6.36
N LYS A 83 -3.25 7.45 7.39
CA LYS A 83 -4.26 6.44 7.49
C LYS A 83 -5.72 7.03 7.31
N LYS A 84 -6.03 8.25 7.75
CA LYS A 84 -7.38 8.91 7.47
C LYS A 84 -7.57 9.05 5.95
N GLU A 85 -6.49 9.54 5.38
CA GLU A 85 -6.53 9.93 3.95
C GLU A 85 -6.56 8.74 3.00
N LEU A 86 -5.82 7.69 3.32
CA LEU A 86 -5.83 6.38 2.73
C LEU A 86 -7.17 5.64 2.69
N GLY A 87 -7.90 5.82 3.78
CA GLY A 87 -9.25 5.24 3.91
C GLY A 87 -10.23 5.89 2.90
N ALA A 88 -10.32 7.23 3.01
CA ALA A 88 -11.19 7.93 2.12
C ALA A 88 -10.92 7.61 0.60
N ALA A 89 -9.64 7.61 0.22
CA ALA A 89 -9.14 7.11 -1.07
C ALA A 89 -9.61 5.70 -1.34
N ALA A 90 -9.60 4.72 -0.43
CA ALA A 90 -10.07 3.38 -0.67
C ALA A 90 -11.65 3.23 -0.54
N GLY A 91 -12.37 4.29 -0.29
CA GLY A 91 -13.85 4.36 -0.32
C GLY A 91 -14.62 4.17 0.95
N ILE A 92 -14.08 4.64 2.07
CA ILE A 92 -14.87 4.61 3.35
C ILE A 92 -14.65 5.89 4.07
N GLU A 93 -15.51 6.30 5.02
CA GLU A 93 -15.27 7.46 5.92
C GLU A 93 -14.33 7.05 7.10
N VAL A 94 -14.26 5.73 7.36
CA VAL A 94 -13.34 5.21 8.29
C VAL A 94 -11.92 5.29 7.74
N ALA A 95 -10.95 5.48 8.61
CA ALA A 95 -9.51 5.43 8.20
C ALA A 95 -9.03 3.97 7.95
N ALA A 96 -7.93 3.74 7.17
CA ALA A 96 -7.46 2.48 6.76
C ALA A 96 -5.91 2.47 6.79
N ALA A 97 -5.29 1.83 7.88
CA ALA A 97 -3.85 1.84 8.20
C ALA A 97 -2.98 1.15 7.12
N SER A 98 -3.52 0.24 6.35
CA SER A 98 -2.94 -0.37 5.14
C SER A 98 -4.05 -0.74 4.14
N VAL A 99 -3.65 -0.89 2.88
CA VAL A 99 -4.50 -1.17 1.66
C VAL A 99 -3.68 -2.04 0.68
N ALA A 100 -4.30 -3.08 0.06
CA ALA A 100 -3.82 -4.09 -0.86
C ALA A 100 -4.52 -4.18 -2.21
N ILE A 101 -3.78 -4.13 -3.39
CA ILE A 101 -4.38 -4.13 -4.74
C ILE A 101 -4.42 -5.58 -5.23
N ILE A 102 -5.50 -6.10 -5.67
CA ILE A 102 -5.66 -7.50 -6.11
C ILE A 102 -5.82 -7.52 -7.63
N GLU A 103 -6.67 -6.64 -8.16
CA GLU A 103 -6.84 -6.44 -9.61
C GLU A 103 -6.93 -4.91 -9.89
N PRO A 104 -5.94 -4.27 -10.58
CA PRO A 104 -5.92 -2.78 -10.75
C PRO A 104 -6.95 -2.25 -11.71
N GLY A 105 -7.64 -3.11 -12.47
CA GLY A 105 -8.74 -2.55 -13.34
C GLY A 105 -8.02 -1.64 -14.39
N LYS A 106 -8.46 -0.35 -14.54
CA LYS A 106 -7.81 0.65 -15.50
C LYS A 106 -6.44 1.13 -15.18
N ALA A 107 -6.05 0.96 -13.88
CA ALA A 107 -4.69 1.24 -13.30
C ALA A 107 -3.54 0.19 -13.50
N ARG A 108 -3.63 -0.69 -14.52
CA ARG A 108 -2.60 -1.72 -14.77
C ARG A 108 -1.13 -1.25 -14.87
N ASP A 109 -0.91 -0.40 -15.85
CA ASP A 109 0.41 0.25 -16.11
C ASP A 109 0.77 1.29 -15.03
N LEU A 110 -0.17 1.90 -14.27
CA LEU A 110 0.11 2.77 -13.14
C LEU A 110 0.60 2.01 -11.97
N VAL A 111 0.09 0.77 -11.66
CA VAL A 111 0.61 -0.11 -10.53
C VAL A 111 1.93 -0.85 -10.97
N GLU A 112 2.19 -0.91 -12.26
CA GLU A 112 3.46 -1.38 -12.81
C GLU A 112 4.56 -0.30 -12.67
N GLU A 113 4.30 0.91 -13.13
CA GLU A 113 5.35 2.03 -13.18
C GLU A 113 5.79 2.48 -11.84
N ILE A 114 4.91 2.49 -10.82
CA ILE A 114 5.36 2.86 -9.47
C ILE A 114 6.18 1.82 -8.79
N ALA A 115 5.88 0.56 -9.09
CA ALA A 115 6.61 -0.58 -8.54
C ALA A 115 8.05 -0.69 -9.05
N MET A 116 8.36 -0.23 -10.26
CA MET A 116 9.72 -0.16 -10.75
C MET A 116 10.61 0.88 -9.94
N LYS A 117 10.09 2.01 -9.37
CA LYS A 117 10.87 2.92 -8.49
C LYS A 117 11.26 2.31 -7.18
N VAL A 118 10.29 1.52 -6.59
CA VAL A 118 10.37 0.85 -5.26
C VAL A 118 11.52 -0.12 -5.23
N LYS A 119 11.70 -0.86 -6.39
CA LYS A 119 12.84 -1.79 -6.61
C LYS A 119 14.20 -1.18 -6.32
N GLU A 120 14.50 -0.07 -7.03
CA GLU A 120 15.77 0.65 -6.91
C GLU A 120 15.93 1.40 -5.55
N LEU A 121 14.83 1.79 -5.03
CA LEU A 121 14.83 2.49 -3.73
C LEU A 121 15.09 1.57 -2.53
N MET A 122 14.45 0.40 -2.46
CA MET A 122 14.64 -0.56 -1.31
C MET A 122 16.03 -1.13 -1.24
N LYS A 123 16.72 -1.16 -2.39
CA LYS A 123 18.06 -1.70 -2.62
C LYS A 123 19.15 -1.15 -1.78
N LYS A 3 8.42 9.55 12.62
CA LYS A 3 9.10 8.50 11.81
C LYS A 3 9.03 7.23 12.62
N PRO A 4 8.28 6.28 12.03
CA PRO A 4 8.23 4.92 12.60
C PRO A 4 9.56 4.16 12.57
N SER A 5 9.66 3.00 13.25
CA SER A 5 10.79 2.15 12.90
C SER A 5 10.63 1.34 11.60
N TYR A 6 9.36 1.05 11.19
CA TYR A 6 9.11 0.20 10.02
C TYR A 6 9.46 0.82 8.64
N VAL A 7 9.80 2.09 8.65
CA VAL A 7 10.07 2.87 7.48
C VAL A 7 11.60 2.78 7.12
N LYS A 8 11.95 2.14 6.01
CA LYS A 8 13.36 1.85 5.54
C LYS A 8 13.81 2.61 4.28
N PHE A 9 12.93 3.38 3.63
CA PHE A 9 13.40 4.22 2.54
C PHE A 9 12.57 5.55 2.66
N GLU A 10 12.98 6.58 1.90
CA GLU A 10 12.30 7.90 1.86
C GLU A 10 10.99 7.84 1.11
N VAL A 11 10.09 8.81 1.41
CA VAL A 11 8.74 8.85 0.92
C VAL A 11 8.49 10.29 0.42
N PRO A 12 8.76 10.58 -0.91
CA PRO A 12 8.63 11.96 -1.48
C PRO A 12 7.17 12.43 -1.61
N LYS A 13 6.97 13.68 -2.06
CA LYS A 13 5.60 14.26 -2.42
C LYS A 13 5.00 13.62 -3.67
N GLU A 14 5.83 13.22 -4.63
CA GLU A 14 5.54 12.26 -5.78
C GLU A 14 5.85 10.83 -5.45
N LEU A 15 5.48 9.85 -6.26
CA LEU A 15 5.34 8.42 -5.81
C LEU A 15 4.24 8.18 -4.83
N ALA A 16 4.22 8.99 -3.77
CA ALA A 16 3.19 8.76 -2.63
C ALA A 16 1.82 9.16 -3.21
N GLU A 17 1.79 10.39 -3.84
CA GLU A 17 0.60 10.81 -4.58
C GLU A 17 0.22 9.87 -5.79
N LYS A 18 1.24 9.19 -6.39
CA LYS A 18 1.06 8.24 -7.53
C LYS A 18 0.47 6.86 -7.14
N ALA A 19 0.94 6.39 -6.01
CA ALA A 19 0.28 5.25 -5.21
C ALA A 19 -1.13 5.65 -4.72
N LEU A 20 -1.42 6.86 -4.28
CA LEU A 20 -2.72 7.30 -3.76
C LEU A 20 -3.79 7.34 -4.87
N GLN A 21 -3.49 7.88 -6.05
CA GLN A 21 -4.43 7.98 -7.14
C GLN A 21 -4.72 6.58 -7.76
N ALA A 22 -3.76 5.62 -7.63
CA ALA A 22 -3.98 4.23 -7.95
C ALA A 22 -5.03 3.52 -7.11
N VAL A 23 -5.09 3.88 -5.85
CA VAL A 23 -6.14 3.36 -4.98
C VAL A 23 -7.56 3.94 -5.42
N GLU A 24 -7.56 5.14 -5.84
CA GLU A 24 -8.72 5.83 -6.39
C GLU A 24 -9.16 5.25 -7.78
N ILE A 25 -8.48 4.33 -8.40
CA ILE A 25 -8.83 3.67 -9.65
C ILE A 25 -9.00 2.18 -9.51
N ALA A 26 -8.18 1.53 -8.71
CA ALA A 26 -8.29 0.10 -8.47
C ALA A 26 -9.49 -0.13 -7.60
N ARG A 27 -9.98 0.86 -6.85
CA ARG A 27 -11.20 0.63 -6.00
C ARG A 27 -12.42 0.37 -6.85
N ASP A 28 -12.57 1.00 -8.02
CA ASP A 28 -13.87 1.10 -8.68
C ASP A 28 -13.81 0.60 -10.13
N THR A 29 -12.67 0.77 -10.81
CA THR A 29 -12.50 0.12 -12.17
C THR A 29 -12.05 -1.37 -12.04
N GLY A 30 -11.63 -1.67 -10.81
CA GLY A 30 -10.85 -2.82 -10.34
C GLY A 30 -11.44 -3.55 -9.08
N LYS A 31 -10.53 -4.28 -8.38
CA LYS A 31 -10.75 -5.00 -7.10
C LYS A 31 -9.70 -4.57 -6.05
N ILE A 32 -10.17 -4.35 -4.87
CA ILE A 32 -9.39 -3.97 -3.67
C ILE A 32 -9.76 -4.65 -2.32
N ARG A 33 -8.81 -4.69 -1.39
CA ARG A 33 -8.95 -5.27 -0.05
C ARG A 33 -8.49 -4.23 1.03
N LYS A 34 -9.21 -3.79 2.03
CA LYS A 34 -8.90 -2.64 2.91
C LYS A 34 -8.95 -2.87 4.40
N GLY A 35 -8.08 -2.20 5.18
CA GLY A 35 -7.82 -2.53 6.61
C GLY A 35 -6.70 -3.52 6.65
N THR A 36 -6.03 -3.56 7.77
CA THR A 36 -4.80 -4.39 8.07
C THR A 36 -5.14 -5.87 8.11
N ASN A 37 -6.27 -6.26 8.70
CA ASN A 37 -6.74 -7.61 8.60
C ASN A 37 -7.00 -8.09 7.18
N GLU A 38 -7.56 -7.34 6.25
CA GLU A 38 -7.79 -7.62 4.87
C GLU A 38 -6.50 -7.64 4.08
N THR A 39 -5.66 -6.67 4.33
CA THR A 39 -4.28 -6.55 3.76
C THR A 39 -3.48 -7.78 4.11
N THR A 40 -3.34 -8.22 5.37
CA THR A 40 -2.49 -9.39 5.75
C THR A 40 -2.95 -10.71 5.08
N LYS A 41 -4.32 -10.86 4.99
CA LYS A 41 -4.93 -12.02 4.34
C LYS A 41 -4.56 -12.11 2.90
N ALA A 42 -4.62 -11.00 2.20
CA ALA A 42 -4.36 -10.97 0.79
C ALA A 42 -2.86 -11.22 0.49
N VAL A 43 -1.89 -10.68 1.20
CA VAL A 43 -0.42 -10.82 0.83
C VAL A 43 0.03 -12.31 1.09
N GLU A 44 -0.56 -13.05 2.09
CA GLU A 44 -0.32 -14.53 2.32
C GLU A 44 -0.98 -15.50 1.26
N ARG A 45 -2.00 -15.16 0.52
CA ARG A 45 -2.82 -15.94 -0.42
C ARG A 45 -2.21 -15.93 -1.87
N GLY A 46 -0.96 -16.45 -1.85
CA GLY A 46 -0.21 -16.70 -3.03
C GLY A 46 0.39 -15.45 -3.76
N GLN A 47 -0.44 -14.53 -4.28
CA GLN A 47 -0.01 -13.14 -4.69
C GLN A 47 -1.00 -12.04 -4.24
N ALA A 48 -0.45 -10.84 -4.04
CA ALA A 48 -1.14 -9.58 -4.13
C ALA A 48 -0.55 -8.84 -5.39
N LYS A 49 -1.01 -7.69 -5.74
CA LYS A 49 -0.51 -6.85 -6.86
C LYS A 49 0.28 -5.59 -6.41
N LEU A 50 -0.12 -4.87 -5.32
CA LEU A 50 0.62 -3.81 -4.62
C LEU A 50 0.01 -3.54 -3.30
N VAL A 51 0.76 -3.06 -2.27
CA VAL A 51 0.24 -2.84 -0.98
C VAL A 51 0.82 -1.53 -0.41
N ILE A 52 0.01 -0.78 0.38
CA ILE A 52 0.18 0.62 0.81
C ILE A 52 -0.06 0.70 2.27
N ILE A 53 0.81 1.34 3.07
CA ILE A 53 0.70 1.49 4.51
C ILE A 53 0.91 2.96 4.97
N ALA A 54 0.24 3.40 6.00
CA ALA A 54 0.33 4.79 6.37
C ALA A 54 1.63 5.13 7.14
N GLU A 55 2.23 6.34 7.09
CA GLU A 55 3.49 6.82 7.78
C GLU A 55 3.22 7.16 9.28
N ASP A 56 1.90 7.27 9.70
CA ASP A 56 1.48 7.84 10.96
C ASP A 56 0.64 6.83 11.72
N VAL A 57 0.90 5.55 11.56
CA VAL A 57 0.07 4.44 12.21
C VAL A 57 0.41 4.41 13.74
N ASP A 58 -0.59 4.15 14.56
CA ASP A 58 -0.52 3.97 15.96
C ASP A 58 -1.39 2.86 16.61
N PRO A 59 -0.73 2.08 17.52
CA PRO A 59 0.68 1.88 17.73
C PRO A 59 1.44 1.38 16.52
N GLU A 60 2.74 1.74 16.38
CA GLU A 60 3.46 1.40 15.11
C GLU A 60 3.61 -0.06 14.79
N GLU A 61 3.68 -0.91 15.82
CA GLU A 61 3.89 -2.32 15.82
C GLU A 61 2.72 -3.06 15.23
N ILE A 62 1.49 -2.55 15.13
CA ILE A 62 0.40 -3.20 14.46
C ILE A 62 0.41 -3.34 12.94
N VAL A 63 1.38 -2.71 12.26
CA VAL A 63 1.58 -2.84 10.76
C VAL A 63 2.98 -3.27 10.43
N ALA A 64 3.94 -3.08 11.37
CA ALA A 64 5.38 -3.42 11.19
C ALA A 64 5.60 -4.82 10.62
N HIS A 65 4.72 -5.80 10.77
CA HIS A 65 4.83 -7.14 10.14
C HIS A 65 4.71 -7.19 8.62
N LEU A 66 4.27 -6.08 8.02
CA LEU A 66 3.86 -6.09 6.60
C LEU A 66 5.02 -6.11 5.64
N PRO A 67 6.08 -5.28 5.83
CA PRO A 67 7.26 -5.38 4.97
C PRO A 67 7.90 -6.79 5.04
N PRO A 68 8.23 -7.49 6.17
CA PRO A 68 8.84 -8.82 6.08
C PRO A 68 7.93 -9.85 5.49
N LEU A 69 6.63 -9.69 5.45
CA LEU A 69 5.66 -10.51 4.73
C LEU A 69 5.66 -10.26 3.20
N CYS A 70 5.81 -9.01 2.77
CA CYS A 70 5.91 -8.72 1.35
C CYS A 70 7.14 -9.30 0.71
N GLU A 71 8.32 -9.07 1.39
CA GLU A 71 9.60 -9.72 1.03
C GLU A 71 9.55 -11.22 1.03
N GLU A 72 8.74 -11.85 1.91
CA GLU A 72 8.55 -13.30 1.99
C GLU A 72 7.96 -13.72 0.64
N LYS A 73 7.07 -12.97 0.00
CA LYS A 73 6.31 -13.37 -1.24
C LYS A 73 6.64 -12.60 -2.48
N GLU A 74 7.81 -11.97 -2.49
CA GLU A 74 8.38 -11.08 -3.57
C GLU A 74 7.40 -9.92 -3.98
N ILE A 75 6.67 -9.30 -3.10
CA ILE A 75 5.71 -8.27 -3.43
C ILE A 75 6.32 -6.86 -3.18
N PRO A 76 6.10 -5.83 -4.05
CA PRO A 76 6.52 -4.46 -3.78
C PRO A 76 5.46 -3.80 -2.80
N TYR A 77 5.99 -2.90 -1.97
CA TYR A 77 5.34 -2.22 -0.83
C TYR A 77 5.71 -0.73 -0.68
N ILE A 78 4.74 0.15 -0.19
CA ILE A 78 4.99 1.64 -0.13
C ILE A 78 4.28 2.23 1.10
N TYR A 79 4.86 3.29 1.68
CA TYR A 79 4.35 4.03 2.80
C TYR A 79 3.90 5.40 2.34
N VAL A 80 3.02 6.05 3.02
CA VAL A 80 2.42 7.38 2.62
C VAL A 80 2.10 8.31 3.76
N PRO A 81 2.14 9.62 3.59
CA PRO A 81 2.13 10.49 4.72
C PRO A 81 0.94 10.44 5.67
N SER A 82 -0.26 9.92 5.34
CA SER A 82 -1.44 10.08 6.17
C SER A 82 -2.47 8.89 6.20
N LYS A 83 -2.84 8.40 7.38
CA LYS A 83 -3.85 7.35 7.60
C LYS A 83 -5.24 7.67 7.21
N LYS A 84 -5.54 8.98 7.52
CA LYS A 84 -6.89 9.49 7.28
C LYS A 84 -7.21 9.60 5.78
N GLU A 85 -6.18 10.08 5.02
CA GLU A 85 -6.29 10.15 3.54
C GLU A 85 -6.31 8.79 2.81
N LEU A 86 -5.55 7.79 3.27
CA LEU A 86 -5.51 6.40 2.81
C LEU A 86 -6.84 5.64 2.94
N GLY A 87 -7.60 5.91 4.00
CA GLY A 87 -8.97 5.46 4.16
C GLY A 87 -9.97 6.04 3.17
N ALA A 88 -9.89 7.39 3.00
CA ALA A 88 -10.65 8.09 2.06
C ALA A 88 -10.50 7.66 0.61
N ALA A 89 -9.22 7.43 0.17
CA ALA A 89 -8.81 6.71 -1.02
C ALA A 89 -9.43 5.27 -1.09
N ALA A 90 -9.20 4.42 -0.10
CA ALA A 90 -9.76 3.07 -0.07
C ALA A 90 -11.32 3.05 -0.06
N GLY A 91 -11.89 4.21 0.05
CA GLY A 91 -13.32 4.48 -0.13
C GLY A 91 -14.20 4.21 1.11
N ILE A 92 -13.68 4.02 2.36
CA ILE A 92 -14.45 3.79 3.59
C ILE A 92 -14.56 5.12 4.40
N GLU A 93 -15.32 5.03 5.47
CA GLU A 93 -15.76 6.16 6.22
C GLU A 93 -14.83 6.58 7.43
N VAL A 94 -13.91 5.72 7.89
CA VAL A 94 -12.86 5.96 8.85
C VAL A 94 -11.46 5.96 8.17
N ALA A 95 -10.43 6.36 8.91
CA ALA A 95 -9.02 6.16 8.51
C ALA A 95 -8.62 4.68 8.29
N ALA A 96 -7.74 4.36 7.33
CA ALA A 96 -7.18 3.00 7.18
C ALA A 96 -5.67 3.00 7.36
N ALA A 97 -5.12 2.03 8.14
CA ALA A 97 -3.71 1.91 8.37
C ALA A 97 -2.94 1.19 7.28
N SER A 98 -3.66 0.34 6.53
CA SER A 98 -3.12 -0.26 5.33
C SER A 98 -4.23 -0.79 4.31
N VAL A 99 -3.92 -0.93 3.01
CA VAL A 99 -4.80 -1.36 1.91
C VAL A 99 -4.01 -2.19 0.88
N ALA A 100 -4.66 -3.09 0.21
CA ALA A 100 -3.97 -4.07 -0.71
C ALA A 100 -4.73 -4.09 -2.03
N ILE A 101 -4.04 -3.89 -3.16
CA ILE A 101 -4.59 -4.09 -4.52
C ILE A 101 -4.57 -5.59 -4.94
N ILE A 102 -5.62 -6.14 -5.53
CA ILE A 102 -5.68 -7.54 -6.06
C ILE A 102 -6.11 -7.52 -7.53
N GLU A 103 -6.72 -6.47 -8.03
CA GLU A 103 -6.83 -6.19 -9.51
C GLU A 103 -6.90 -4.74 -9.80
N PRO A 104 -5.91 -4.12 -10.55
CA PRO A 104 -5.93 -2.64 -10.68
C PRO A 104 -7.07 -1.98 -11.49
N GLY A 105 -7.89 -2.72 -12.22
CA GLY A 105 -8.76 -2.27 -13.26
C GLY A 105 -7.92 -1.59 -14.39
N LYS A 106 -8.21 -0.34 -14.60
CA LYS A 106 -7.48 0.56 -15.56
C LYS A 106 -6.04 0.78 -15.11
N ALA A 107 -5.71 0.84 -13.79
CA ALA A 107 -4.41 1.24 -13.36
C ALA A 107 -3.29 0.20 -13.42
N ARG A 108 -3.34 -0.70 -14.43
CA ARG A 108 -2.31 -1.78 -14.62
C ARG A 108 -0.86 -1.22 -14.89
N ASP A 109 -0.79 -0.23 -15.80
CA ASP A 109 0.49 0.38 -16.18
C ASP A 109 1.03 1.40 -15.12
N LEU A 110 0.06 2.03 -14.43
CA LEU A 110 0.34 2.82 -13.23
C LEU A 110 0.84 2.04 -11.93
N VAL A 111 0.29 0.83 -11.64
CA VAL A 111 0.85 -0.12 -10.66
C VAL A 111 2.21 -0.70 -11.15
N GLU A 112 2.38 -0.93 -12.49
CA GLU A 112 3.73 -1.19 -12.99
C GLU A 112 4.73 -0.09 -12.78
N GLU A 113 4.50 1.19 -13.13
CA GLU A 113 5.47 2.27 -12.95
C GLU A 113 5.90 2.62 -11.48
N ILE A 114 4.92 2.71 -10.56
CA ILE A 114 5.32 2.87 -9.15
C ILE A 114 6.10 1.69 -8.56
N ALA A 115 5.86 0.45 -8.95
CA ALA A 115 6.54 -0.77 -8.55
C ALA A 115 7.98 -0.89 -9.06
N MET A 116 8.22 -0.52 -10.31
CA MET A 116 9.57 -0.18 -10.92
C MET A 116 10.32 0.92 -10.18
N LYS A 117 9.64 1.99 -9.70
CA LYS A 117 10.29 3.12 -9.07
C LYS A 117 10.63 2.77 -7.66
N VAL A 118 9.79 2.03 -6.95
CA VAL A 118 10.08 1.73 -5.50
C VAL A 118 11.30 0.93 -5.40
N LYS A 119 11.51 -0.09 -6.28
CA LYS A 119 12.58 -1.04 -6.35
C LYS A 119 13.94 -0.36 -6.36
N GLU A 120 14.17 0.83 -6.95
CA GLU A 120 15.43 1.52 -7.09
C GLU A 120 15.92 2.08 -5.72
N LEU A 121 15.10 2.26 -4.68
CA LEU A 121 15.36 2.73 -3.31
C LEU A 121 14.95 1.82 -2.16
N MET A 122 13.94 0.95 -2.42
CA MET A 122 13.65 -0.27 -1.55
C MET A 122 14.94 -1.15 -1.33
N LYS A 123 15.85 -1.21 -2.28
CA LYS A 123 17.33 -1.38 -2.13
C LYS A 123 17.96 -0.13 -1.49
N LYS A 3 7.90 9.86 11.85
CA LYS A 3 8.70 8.92 11.05
C LYS A 3 8.94 7.61 11.85
N PRO A 4 8.34 6.44 11.39
CA PRO A 4 8.34 5.25 12.25
C PRO A 4 9.68 4.49 12.20
N SER A 5 9.71 3.57 13.20
CA SER A 5 10.62 2.40 13.16
C SER A 5 10.71 1.72 11.79
N TYR A 6 9.55 1.32 11.25
CA TYR A 6 9.48 0.40 10.11
C TYR A 6 9.92 1.06 8.73
N VAL A 7 10.07 2.39 8.51
CA VAL A 7 10.25 2.95 7.14
C VAL A 7 11.68 2.63 6.66
N LYS A 8 11.98 1.51 5.92
CA LYS A 8 13.19 1.19 5.22
C LYS A 8 13.55 2.20 4.15
N PHE A 9 12.61 3.08 3.75
CA PHE A 9 12.83 4.28 2.84
C PHE A 9 11.83 5.41 3.23
N GLU A 10 12.27 6.62 2.96
CA GLU A 10 11.37 7.81 3.00
C GLU A 10 10.58 8.03 1.68
N VAL A 11 9.50 8.83 1.64
CA VAL A 11 8.65 9.06 0.47
C VAL A 11 8.50 10.61 0.23
N PRO A 12 8.89 11.10 -0.96
CA PRO A 12 8.61 12.48 -1.37
C PRO A 12 7.15 12.78 -1.81
N LYS A 13 6.89 13.98 -2.43
CA LYS A 13 5.65 14.43 -3.12
C LYS A 13 5.32 13.48 -4.33
N GLU A 14 6.29 13.05 -5.06
CA GLU A 14 6.19 11.88 -5.98
C GLU A 14 6.04 10.54 -5.23
N LEU A 15 5.89 9.43 -5.99
CA LEU A 15 5.71 8.08 -5.44
C LEU A 15 4.53 7.78 -4.47
N ALA A 16 4.53 8.50 -3.34
CA ALA A 16 3.47 8.27 -2.31
C ALA A 16 2.10 8.68 -2.87
N GLU A 17 1.95 9.89 -3.39
CA GLU A 17 0.78 10.46 -4.06
C GLU A 17 0.26 9.72 -5.32
N LYS A 18 1.23 9.20 -6.06
CA LYS A 18 1.03 8.39 -7.22
C LYS A 18 0.29 7.12 -6.89
N ALA A 19 0.65 6.51 -5.78
CA ALA A 19 0.02 5.35 -5.19
C ALA A 19 -1.36 5.71 -4.61
N LEU A 20 -1.62 6.86 -4.05
CA LEU A 20 -2.95 7.32 -3.54
C LEU A 20 -3.97 7.46 -4.67
N GLN A 21 -3.58 8.17 -5.70
CA GLN A 21 -4.46 8.38 -6.91
C GLN A 21 -4.62 7.08 -7.72
N ALA A 22 -3.76 6.07 -7.48
CA ALA A 22 -3.87 4.69 -7.97
C ALA A 22 -4.92 3.84 -7.26
N VAL A 23 -5.05 4.08 -5.95
CA VAL A 23 -6.13 3.47 -5.16
C VAL A 23 -7.46 4.10 -5.60
N GLU A 24 -7.50 5.41 -5.88
CA GLU A 24 -8.69 6.05 -6.41
C GLU A 24 -9.22 5.43 -7.70
N ILE A 25 -8.38 4.93 -8.61
CA ILE A 25 -8.77 4.22 -9.83
C ILE A 25 -9.07 2.73 -9.67
N ALA A 26 -8.22 2.05 -8.87
CA ALA A 26 -8.29 0.58 -8.67
C ALA A 26 -9.45 0.15 -7.77
N ARG A 27 -9.84 1.09 -6.89
CA ARG A 27 -11.04 0.97 -5.95
C ARG A 27 -12.36 0.57 -6.57
N ASP A 28 -12.59 1.03 -7.78
CA ASP A 28 -13.88 0.84 -8.55
C ASP A 28 -13.74 0.49 -10.01
N THR A 29 -12.51 0.54 -10.61
CA THR A 29 -12.24 -0.13 -11.96
C THR A 29 -11.62 -1.56 -11.83
N GLY A 30 -11.35 -2.02 -10.57
CA GLY A 30 -10.59 -3.20 -10.24
C GLY A 30 -11.00 -3.82 -8.89
N LYS A 31 -10.05 -4.37 -8.18
CA LYS A 31 -10.29 -5.16 -6.98
C LYS A 31 -9.31 -4.89 -5.87
N ILE A 32 -9.78 -4.66 -4.63
CA ILE A 32 -9.10 -4.04 -3.54
C ILE A 32 -9.49 -4.68 -2.14
N ARG A 33 -8.57 -4.55 -1.16
CA ARG A 33 -8.77 -4.87 0.25
C ARG A 33 -8.29 -3.70 1.20
N LYS A 34 -9.06 -3.30 2.19
CA LYS A 34 -8.65 -2.25 3.19
C LYS A 34 -8.73 -2.64 4.65
N GLY A 35 -7.89 -2.07 5.49
CA GLY A 35 -7.71 -2.64 6.89
C GLY A 35 -6.53 -3.64 7.02
N THR A 36 -5.85 -3.67 8.19
CA THR A 36 -4.65 -4.56 8.33
C THR A 36 -4.88 -6.06 8.41
N ASN A 37 -6.09 -6.48 8.88
CA ASN A 37 -6.44 -7.88 8.87
C ASN A 37 -6.69 -8.42 7.40
N GLU A 38 -7.43 -7.70 6.57
CA GLU A 38 -7.73 -8.07 5.16
C GLU A 38 -6.54 -7.93 4.21
N THR A 39 -5.78 -6.89 4.45
CA THR A 39 -4.54 -6.73 3.73
C THR A 39 -3.47 -7.82 4.06
N THR A 40 -3.26 -8.21 5.32
CA THR A 40 -2.33 -9.37 5.70
C THR A 40 -2.78 -10.67 5.02
N LYS A 41 -4.07 -11.02 4.97
CA LYS A 41 -4.51 -12.21 4.26
C LYS A 41 -4.33 -12.11 2.76
N ALA A 42 -4.56 -10.95 2.22
CA ALA A 42 -4.33 -10.68 0.83
C ALA A 42 -2.85 -10.83 0.46
N VAL A 43 -1.90 -10.42 1.33
CA VAL A 43 -0.49 -10.65 1.00
C VAL A 43 -0.23 -12.14 1.23
N GLU A 44 -0.80 -12.93 2.15
CA GLU A 44 -0.45 -14.34 2.40
C GLU A 44 -1.01 -15.41 1.29
N ARG A 45 -2.13 -15.01 0.66
CA ARG A 45 -2.75 -15.56 -0.53
C ARG A 45 -1.82 -15.51 -1.82
N GLY A 46 -0.63 -14.83 -1.70
CA GLY A 46 0.61 -15.16 -2.35
C GLY A 46 0.90 -14.52 -3.72
N GLN A 47 -0.08 -13.83 -4.29
CA GLN A 47 0.04 -13.24 -5.61
C GLN A 47 -0.62 -11.81 -5.63
N ALA A 48 -0.36 -11.08 -4.58
CA ALA A 48 -0.80 -9.69 -4.41
C ALA A 48 -0.12 -8.76 -5.46
N LYS A 49 -0.80 -7.70 -5.88
CA LYS A 49 -0.23 -6.87 -6.89
C LYS A 49 0.59 -5.65 -6.38
N LEU A 50 0.10 -5.10 -5.26
CA LEU A 50 0.71 -3.97 -4.44
C LEU A 50 -0.08 -3.92 -3.11
N VAL A 51 0.60 -3.31 -2.08
CA VAL A 51 0.12 -2.88 -0.70
C VAL A 51 0.69 -1.51 -0.33
N ILE A 52 -0.11 -0.84 0.51
CA ILE A 52 0.11 0.50 1.04
C ILE A 52 -0.04 0.46 2.61
N ILE A 53 0.83 1.18 3.26
CA ILE A 53 0.94 1.20 4.71
C ILE A 53 1.05 2.62 5.10
N ALA A 54 0.21 3.14 5.99
CA ALA A 54 0.32 4.55 6.39
C ALA A 54 1.46 4.77 7.38
N GLU A 55 2.04 5.98 7.40
CA GLU A 55 3.16 6.25 8.34
C GLU A 55 2.57 6.52 9.70
N ASP A 56 1.46 7.30 9.86
CA ASP A 56 0.91 7.80 11.13
C ASP A 56 -0.05 6.82 11.88
N VAL A 57 0.15 5.53 11.65
CA VAL A 57 -0.53 4.40 12.40
C VAL A 57 -0.01 4.30 13.78
N ASP A 58 -0.94 4.07 14.71
CA ASP A 58 -0.64 3.78 16.14
C ASP A 58 -1.41 2.54 16.61
N PRO A 59 -0.76 1.55 17.32
CA PRO A 59 0.62 1.44 17.51
C PRO A 59 1.32 1.23 16.16
N GLU A 60 2.55 1.71 16.16
CA GLU A 60 3.45 1.61 14.99
C GLU A 60 3.85 0.07 14.73
N GLU A 61 3.88 -0.73 15.76
CA GLU A 61 4.07 -2.25 15.61
C GLU A 61 2.88 -2.90 14.86
N ILE A 62 1.62 -2.34 14.94
CA ILE A 62 0.48 -3.03 14.25
C ILE A 62 0.57 -3.22 12.76
N VAL A 63 1.45 -2.56 12.08
CA VAL A 63 1.72 -2.74 10.64
C VAL A 63 3.15 -3.20 10.35
N ALA A 64 4.07 -3.32 11.35
CA ALA A 64 5.51 -3.62 11.11
C ALA A 64 5.74 -5.06 10.48
N HIS A 65 4.69 -5.92 10.47
CA HIS A 65 4.79 -7.25 9.85
C HIS A 65 4.65 -7.28 8.35
N LEU A 66 3.97 -6.33 7.67
CA LEU A 66 3.71 -6.31 6.24
C LEU A 66 5.00 -6.18 5.38
N PRO A 67 6.03 -5.40 5.81
CA PRO A 67 7.31 -5.34 4.94
C PRO A 67 8.06 -6.73 5.04
N PRO A 68 8.35 -7.28 6.26
CA PRO A 68 8.98 -8.59 6.29
C PRO A 68 8.10 -9.69 5.70
N LEU A 69 6.78 -9.61 5.71
CA LEU A 69 5.81 -10.54 4.97
C LEU A 69 5.94 -10.44 3.48
N CYS A 70 5.83 -9.24 2.95
CA CYS A 70 5.93 -8.99 1.55
C CYS A 70 7.33 -9.24 1.00
N GLU A 71 8.37 -9.26 1.73
CA GLU A 71 9.67 -9.78 1.23
C GLU A 71 9.59 -11.30 0.98
N GLU A 72 9.09 -12.02 1.98
CA GLU A 72 8.98 -13.44 1.84
C GLU A 72 7.95 -13.87 0.80
N LYS A 73 6.92 -13.05 0.44
CA LYS A 73 6.00 -13.20 -0.73
C LYS A 73 6.39 -12.46 -2.00
N GLU A 74 7.55 -11.81 -2.08
CA GLU A 74 7.92 -11.02 -3.35
C GLU A 74 6.91 -9.91 -3.77
N ILE A 75 6.11 -9.33 -2.78
CA ILE A 75 5.03 -8.36 -3.10
C ILE A 75 5.57 -6.89 -3.06
N PRO A 76 5.27 -5.98 -3.92
CA PRO A 76 5.61 -4.57 -3.90
C PRO A 76 4.90 -3.83 -2.71
N TYR A 77 5.62 -3.06 -1.89
CA TYR A 77 5.11 -2.21 -0.80
C TYR A 77 5.63 -0.80 -0.86
N ILE A 78 4.82 0.10 -0.30
CA ILE A 78 5.08 1.51 -0.18
C ILE A 78 4.44 2.20 1.10
N TYR A 79 5.20 3.14 1.73
CA TYR A 79 4.66 3.91 2.91
C TYR A 79 3.84 5.13 2.38
N VAL A 80 2.81 5.69 3.10
CA VAL A 80 2.14 6.99 2.85
C VAL A 80 1.91 7.92 3.96
N PRO A 81 2.08 9.26 3.77
CA PRO A 81 2.02 10.26 4.87
C PRO A 81 0.60 10.69 5.51
N SER A 82 -0.47 9.93 5.30
CA SER A 82 -1.76 10.12 6.02
C SER A 82 -2.59 8.81 6.04
N LYS A 83 -2.95 8.32 7.26
CA LYS A 83 -3.90 7.15 7.39
C LYS A 83 -5.33 7.60 6.95
N LYS A 84 -5.61 8.90 7.14
CA LYS A 84 -6.90 9.49 7.05
C LYS A 84 -7.34 9.68 5.62
N GLU A 85 -6.47 10.14 4.79
CA GLU A 85 -6.72 10.23 3.31
C GLU A 85 -6.66 8.80 2.61
N LEU A 86 -5.94 7.85 3.23
CA LEU A 86 -5.91 6.46 2.67
C LEU A 86 -7.20 5.67 2.85
N GLY A 87 -7.96 5.81 3.93
CA GLY A 87 -9.35 5.28 3.96
C GLY A 87 -10.24 6.05 2.95
N ALA A 88 -10.16 7.39 2.94
CA ALA A 88 -10.94 8.20 2.00
C ALA A 88 -10.76 7.69 0.57
N ALA A 89 -9.55 7.44 0.15
CA ALA A 89 -9.26 6.87 -1.23
C ALA A 89 -9.77 5.40 -1.42
N ALA A 90 -9.72 4.56 -0.39
CA ALA A 90 -10.32 3.19 -0.38
C ALA A 90 -11.85 3.26 -0.53
N GLY A 91 -12.46 4.47 -0.32
CA GLY A 91 -13.92 4.70 -0.32
C GLY A 91 -14.58 4.59 1.04
N ILE A 92 -13.90 4.55 2.16
CA ILE A 92 -14.45 4.34 3.56
C ILE A 92 -14.42 5.67 4.37
N GLU A 93 -15.20 5.78 5.49
CA GLU A 93 -15.40 7.05 6.29
C GLU A 93 -14.64 7.00 7.61
N VAL A 94 -13.88 5.98 7.85
CA VAL A 94 -12.76 6.05 8.82
C VAL A 94 -11.45 6.09 8.07
N ALA A 95 -10.39 6.33 8.84
CA ALA A 95 -8.97 6.16 8.46
C ALA A 95 -8.70 4.64 8.13
N ALA A 96 -7.87 4.33 7.14
CA ALA A 96 -7.24 2.94 6.94
C ALA A 96 -5.75 3.07 7.21
N ALA A 97 -5.19 2.05 7.91
CA ALA A 97 -3.73 1.92 8.24
C ALA A 97 -2.91 1.07 7.21
N SER A 98 -3.66 0.23 6.47
CA SER A 98 -3.20 -0.33 5.22
C SER A 98 -4.28 -0.76 4.22
N VAL A 99 -3.86 -0.98 2.98
CA VAL A 99 -4.70 -1.28 1.79
C VAL A 99 -4.01 -2.14 0.75
N ALA A 100 -4.61 -3.24 0.19
CA ALA A 100 -3.94 -4.06 -0.89
C ALA A 100 -4.72 -4.18 -2.24
N ILE A 101 -3.96 -4.22 -3.34
CA ILE A 101 -4.44 -4.42 -4.74
C ILE A 101 -4.39 -5.86 -5.18
N ILE A 102 -5.57 -6.37 -5.44
CA ILE A 102 -5.85 -7.72 -5.99
C ILE A 102 -5.88 -7.73 -7.51
N GLU A 103 -6.60 -6.83 -8.18
CA GLU A 103 -6.44 -6.43 -9.58
C GLU A 103 -6.56 -4.90 -9.83
N PRO A 104 -5.52 -4.19 -10.32
CA PRO A 104 -5.58 -2.71 -10.51
C PRO A 104 -6.56 -2.10 -11.57
N GLY A 105 -7.43 -2.88 -12.13
CA GLY A 105 -8.52 -2.41 -13.03
C GLY A 105 -7.96 -1.66 -14.25
N LYS A 106 -8.27 -0.36 -14.41
CA LYS A 106 -7.70 0.56 -15.42
C LYS A 106 -6.24 0.93 -15.15
N ALA A 107 -5.78 0.92 -13.88
CA ALA A 107 -4.52 1.44 -13.40
C ALA A 107 -3.36 0.52 -13.67
N ARG A 108 -3.46 -0.52 -14.53
CA ARG A 108 -2.41 -1.61 -14.69
C ARG A 108 -1.03 -0.99 -14.87
N ASP A 109 -0.81 -0.10 -15.81
CA ASP A 109 0.55 0.43 -16.02
C ASP A 109 1.08 1.48 -15.00
N LEU A 110 0.15 2.21 -14.35
CA LEU A 110 0.34 3.17 -13.25
C LEU A 110 0.96 2.42 -12.05
N VAL A 111 0.38 1.22 -11.76
CA VAL A 111 0.80 0.27 -10.68
C VAL A 111 2.11 -0.44 -11.05
N GLU A 112 2.46 -0.58 -12.35
CA GLU A 112 3.72 -1.19 -12.87
C GLU A 112 4.90 -0.19 -12.74
N GLU A 113 4.65 1.10 -13.05
CA GLU A 113 5.62 2.20 -12.88
C GLU A 113 5.99 2.42 -11.41
N ILE A 114 4.96 2.40 -10.58
CA ILE A 114 5.22 2.58 -9.14
C ILE A 114 6.11 1.45 -8.50
N ALA A 115 5.75 0.17 -8.75
CA ALA A 115 6.49 -0.94 -8.37
C ALA A 115 7.93 -0.84 -8.96
N MET A 116 8.20 -0.64 -10.26
CA MET A 116 9.58 -0.51 -10.78
C MET A 116 10.31 0.63 -10.16
N LYS A 117 9.72 1.83 -10.06
CA LYS A 117 10.41 2.99 -9.45
C LYS A 117 10.85 2.82 -7.94
N VAL A 118 10.04 2.15 -7.10
CA VAL A 118 10.25 1.79 -5.70
C VAL A 118 11.25 0.61 -5.57
N LYS A 119 11.20 -0.39 -6.48
CA LYS A 119 12.21 -1.49 -6.61
C LYS A 119 13.64 -0.94 -6.76
N GLU A 120 13.90 0.07 -7.50
CA GLU A 120 15.20 0.78 -7.59
C GLU A 120 15.63 1.39 -6.22
N LEU A 121 14.77 2.23 -5.59
CA LEU A 121 15.19 2.97 -4.40
C LEU A 121 15.36 2.05 -3.11
N MET A 122 14.64 0.91 -3.16
CA MET A 122 14.68 -0.13 -2.11
C MET A 122 16.04 -0.78 -1.92
N LYS A 123 16.92 -0.63 -2.90
CA LYS A 123 18.21 -1.28 -2.80
C LYS A 123 19.17 -0.72 -1.66
N LYS A 3 8.11 9.86 11.73
CA LYS A 3 9.02 8.83 11.19
C LYS A 3 9.09 7.54 12.06
N PRO A 4 8.17 6.57 11.89
CA PRO A 4 8.16 5.33 12.62
C PRO A 4 9.41 4.43 12.29
N SER A 5 9.65 3.39 13.12
CA SER A 5 10.69 2.36 13.06
C SER A 5 10.72 1.64 11.69
N TYR A 6 9.55 1.57 11.08
CA TYR A 6 9.29 0.70 9.94
C TYR A 6 9.48 1.39 8.62
N VAL A 7 9.61 2.72 8.51
CA VAL A 7 9.75 3.38 7.17
C VAL A 7 11.20 3.30 6.62
N LYS A 8 11.55 2.15 6.02
CA LYS A 8 12.90 1.94 5.56
C LYS A 8 13.31 2.81 4.40
N PHE A 9 12.39 3.56 3.81
CA PHE A 9 12.60 4.78 3.11
C PHE A 9 11.57 5.80 3.47
N GLU A 10 11.89 7.08 3.42
CA GLU A 10 10.92 8.24 3.59
C GLU A 10 10.60 8.89 2.25
N VAL A 11 9.41 9.44 2.11
CA VAL A 11 8.84 9.69 0.82
C VAL A 11 8.67 11.17 0.49
N PRO A 12 8.81 11.64 -0.75
CA PRO A 12 8.55 12.94 -1.17
C PRO A 12 7.02 13.10 -1.40
N LYS A 13 6.59 14.20 -2.01
CA LYS A 13 5.28 14.44 -2.62
C LYS A 13 5.09 13.55 -3.90
N GLU A 14 6.08 13.32 -4.78
CA GLU A 14 6.09 12.24 -5.84
C GLU A 14 5.97 10.89 -5.24
N LEU A 15 5.72 9.91 -6.09
CA LEU A 15 5.45 8.49 -5.72
C LEU A 15 4.20 8.21 -4.76
N ALA A 16 4.09 8.96 -3.65
CA ALA A 16 3.03 8.86 -2.69
C ALA A 16 1.64 9.37 -3.31
N GLU A 17 1.66 10.49 -4.00
CA GLU A 17 0.59 11.11 -4.79
C GLU A 17 0.05 10.11 -5.87
N LYS A 18 0.91 9.63 -6.77
CA LYS A 18 0.60 8.57 -7.78
C LYS A 18 0.02 7.29 -7.17
N ALA A 19 0.44 6.87 -5.97
CA ALA A 19 -0.11 5.72 -5.16
C ALA A 19 -1.56 5.96 -4.80
N LEU A 20 -1.77 7.12 -4.24
CA LEU A 20 -3.13 7.25 -3.63
C LEU A 20 -4.20 7.35 -4.78
N GLN A 21 -3.89 7.98 -5.88
CA GLN A 21 -4.82 7.93 -7.03
C GLN A 21 -4.90 6.53 -7.76
N ALA A 22 -3.85 5.65 -7.61
CA ALA A 22 -3.93 4.28 -7.99
C ALA A 22 -4.86 3.40 -7.18
N VAL A 23 -4.86 3.70 -5.88
CA VAL A 23 -5.93 3.14 -5.00
C VAL A 23 -7.35 3.71 -5.32
N GLU A 24 -7.54 5.01 -5.62
CA GLU A 24 -8.85 5.56 -5.97
C GLU A 24 -9.46 5.03 -7.28
N ILE A 25 -8.63 4.53 -8.19
CA ILE A 25 -9.15 3.91 -9.45
C ILE A 25 -9.33 2.40 -9.33
N ALA A 26 -8.34 1.66 -8.78
CA ALA A 26 -8.42 0.25 -8.47
C ALA A 26 -9.64 -0.07 -7.66
N ARG A 27 -10.10 0.82 -6.76
CA ARG A 27 -11.32 0.62 -6.01
C ARG A 27 -12.63 0.40 -6.82
N ASP A 28 -12.77 1.19 -7.91
CA ASP A 28 -14.07 1.28 -8.64
C ASP A 28 -13.94 0.76 -10.10
N THR A 29 -12.69 0.39 -10.55
CA THR A 29 -12.50 -0.28 -11.89
C THR A 29 -11.77 -1.65 -11.72
N GLY A 30 -11.31 -2.16 -10.59
CA GLY A 30 -10.69 -3.50 -10.41
C GLY A 30 -11.14 -4.08 -9.11
N LYS A 31 -10.17 -4.50 -8.29
CA LYS A 31 -10.33 -5.15 -7.00
C LYS A 31 -9.34 -4.55 -5.97
N ILE A 32 -9.85 -4.31 -4.77
CA ILE A 32 -9.13 -3.74 -3.60
C ILE A 32 -9.41 -4.63 -2.35
N ARG A 33 -8.62 -4.54 -1.27
CA ARG A 33 -8.86 -5.20 0.04
C ARG A 33 -8.36 -4.21 1.05
N LYS A 34 -9.16 -4.05 2.13
CA LYS A 34 -9.20 -2.87 2.99
C LYS A 34 -9.00 -3.21 4.45
N GLY A 35 -8.13 -2.46 5.11
CA GLY A 35 -7.86 -2.78 6.58
C GLY A 35 -6.84 -3.87 6.66
N THR A 36 -6.28 -3.89 7.84
CA THR A 36 -5.05 -4.66 8.09
C THR A 36 -5.18 -6.19 8.28
N ASN A 37 -6.40 -6.62 8.61
CA ASN A 37 -6.82 -8.03 8.45
C ASN A 37 -6.92 -8.52 6.99
N GLU A 38 -7.64 -7.79 6.15
CA GLU A 38 -7.80 -8.13 4.71
C GLU A 38 -6.50 -7.85 3.86
N THR A 39 -5.65 -6.86 4.26
CA THR A 39 -4.24 -6.73 3.70
C THR A 39 -3.39 -7.88 4.09
N THR A 40 -3.30 -8.19 5.37
CA THR A 40 -2.42 -9.29 5.83
C THR A 40 -2.79 -10.63 5.08
N LYS A 41 -4.07 -10.98 4.79
CA LYS A 41 -4.53 -12.18 4.04
C LYS A 41 -4.29 -12.02 2.60
N ALA A 42 -4.35 -10.86 1.97
CA ALA A 42 -4.10 -10.71 0.54
C ALA A 42 -2.66 -11.01 0.17
N VAL A 43 -1.77 -10.61 1.05
CA VAL A 43 -0.32 -10.92 0.83
C VAL A 43 -0.08 -12.36 1.14
N GLU A 44 -0.47 -12.95 2.31
CA GLU A 44 -0.06 -14.30 2.70
C GLU A 44 -0.71 -15.39 1.79
N ARG A 45 -2.07 -15.33 1.64
CA ARG A 45 -2.85 -16.44 0.99
C ARG A 45 -2.62 -16.81 -0.45
N GLY A 46 -1.96 -15.98 -1.25
CA GLY A 46 -1.87 -16.05 -2.69
C GLY A 46 -0.94 -14.94 -3.14
N GLN A 47 -1.41 -14.26 -4.12
CA GLN A 47 -0.73 -13.23 -4.87
C GLN A 47 -1.37 -11.86 -4.90
N ALA A 48 -1.03 -11.00 -3.93
CA ALA A 48 -1.19 -9.52 -3.98
C ALA A 48 -0.50 -8.86 -5.16
N LYS A 49 -1.01 -7.72 -5.56
CA LYS A 49 -0.37 -6.94 -6.68
C LYS A 49 0.54 -5.76 -6.28
N LEU A 50 0.11 -5.17 -5.14
CA LEU A 50 0.91 -4.18 -4.44
C LEU A 50 0.22 -3.97 -3.13
N VAL A 51 0.83 -3.24 -2.23
CA VAL A 51 0.31 -2.83 -0.90
C VAL A 51 0.82 -1.49 -0.41
N ILE A 52 -0.04 -0.65 0.14
CA ILE A 52 0.11 0.70 0.66
C ILE A 52 -0.03 0.84 2.19
N ILE A 53 0.86 1.52 2.85
CA ILE A 53 0.93 1.69 4.35
C ILE A 53 1.05 3.13 4.90
N ALA A 54 0.38 3.57 5.94
CA ALA A 54 0.53 4.94 6.50
C ALA A 54 1.76 5.11 7.36
N GLU A 55 2.26 6.36 7.51
CA GLU A 55 3.32 6.79 8.39
C GLU A 55 2.85 7.21 9.82
N ASP A 56 1.52 7.32 10.10
CA ASP A 56 1.07 7.82 11.39
C ASP A 56 0.34 6.69 12.18
N VAL A 57 0.57 5.44 11.85
CA VAL A 57 -0.01 4.28 12.56
C VAL A 57 0.43 4.24 14.05
N ASP A 58 -0.46 3.98 15.06
CA ASP A 58 -0.21 4.07 16.49
C ASP A 58 -0.98 3.08 17.41
N PRO A 59 -0.27 2.20 18.09
CA PRO A 59 1.22 1.92 18.12
C PRO A 59 1.66 1.54 16.67
N GLU A 60 2.88 1.97 16.32
CA GLU A 60 3.58 1.76 15.02
C GLU A 60 3.83 0.26 14.59
N GLU A 61 3.89 -0.62 15.58
CA GLU A 61 4.05 -2.04 15.51
C GLU A 61 2.93 -2.81 14.82
N ILE A 62 1.71 -2.30 14.77
CA ILE A 62 0.54 -3.10 14.26
C ILE A 62 0.48 -3.24 12.67
N VAL A 63 1.51 -2.75 11.95
CA VAL A 63 1.83 -2.89 10.53
C VAL A 63 3.29 -3.34 10.19
N ALA A 64 4.24 -3.31 11.19
CA ALA A 64 5.67 -3.75 11.12
C ALA A 64 5.94 -5.24 10.66
N HIS A 65 4.94 -6.15 10.62
CA HIS A 65 4.99 -7.54 10.08
C HIS A 65 4.77 -7.58 8.53
N LEU A 66 4.27 -6.50 7.99
CA LEU A 66 3.98 -6.43 6.58
C LEU A 66 5.30 -6.42 5.68
N PRO A 67 6.32 -5.54 5.98
CA PRO A 67 7.58 -5.50 5.23
C PRO A 67 8.39 -6.79 5.07
N PRO A 68 8.64 -7.58 6.14
CA PRO A 68 9.23 -8.94 5.92
C PRO A 68 8.37 -9.85 5.01
N LEU A 69 7.04 -9.94 5.21
CA LEU A 69 6.08 -10.78 4.53
C LEU A 69 6.02 -10.43 3.04
N CYS A 70 6.13 -9.15 2.71
CA CYS A 70 6.30 -8.69 1.35
C CYS A 70 7.53 -9.27 0.55
N GLU A 71 8.75 -9.20 1.08
CA GLU A 71 9.99 -9.84 0.45
C GLU A 71 9.89 -11.36 0.43
N GLU A 72 9.24 -11.94 1.44
CA GLU A 72 8.90 -13.33 1.55
C GLU A 72 8.01 -13.84 0.37
N LYS A 73 7.12 -12.97 -0.10
CA LYS A 73 6.27 -13.13 -1.34
C LYS A 73 6.80 -12.51 -2.67
N GLU A 74 7.92 -11.79 -2.61
CA GLU A 74 8.59 -10.95 -3.62
C GLU A 74 7.73 -9.78 -4.16
N ILE A 75 7.07 -8.93 -3.30
CA ILE A 75 6.11 -7.88 -3.64
C ILE A 75 6.62 -6.49 -3.17
N PRO A 76 6.62 -5.45 -3.97
CA PRO A 76 6.90 -4.06 -3.53
C PRO A 76 5.83 -3.57 -2.61
N TYR A 77 6.21 -2.73 -1.62
CA TYR A 77 5.30 -1.91 -0.80
C TYR A 77 5.63 -0.40 -0.78
N ILE A 78 4.75 0.47 -0.34
CA ILE A 78 4.96 1.88 -0.35
C ILE A 78 4.28 2.54 0.81
N TYR A 79 4.92 3.57 1.36
CA TYR A 79 4.41 4.37 2.42
C TYR A 79 3.68 5.70 1.92
N VAL A 80 2.67 6.18 2.70
CA VAL A 80 1.82 7.40 2.50
C VAL A 80 1.66 8.23 3.84
N PRO A 81 1.51 9.57 3.87
CA PRO A 81 1.70 10.33 5.11
C PRO A 81 0.68 10.18 6.26
N SER A 82 -0.51 9.65 5.90
CA SER A 82 -1.68 9.77 6.82
C SER A 82 -2.65 8.59 6.51
N LYS A 83 -3.03 7.74 7.50
CA LYS A 83 -3.99 6.68 7.46
C LYS A 83 -5.37 7.23 7.06
N LYS A 84 -5.71 8.44 7.38
CA LYS A 84 -7.07 9.10 7.09
C LYS A 84 -7.19 9.57 5.65
N GLU A 85 -6.17 9.91 4.93
CA GLU A 85 -6.16 10.07 3.42
C GLU A 85 -6.23 8.73 2.65
N LEU A 86 -5.56 7.77 3.29
CA LEU A 86 -5.53 6.35 2.76
C LEU A 86 -6.86 5.55 2.83
N GLY A 87 -7.61 5.69 3.97
CA GLY A 87 -9.06 5.38 4.16
C GLY A 87 -9.94 6.09 3.09
N ALA A 88 -9.79 7.45 2.89
CA ALA A 88 -10.51 8.23 1.88
C ALA A 88 -10.23 7.77 0.45
N ALA A 89 -8.96 7.53 0.05
CA ALA A 89 -8.55 6.90 -1.21
C ALA A 89 -9.22 5.52 -1.45
N ALA A 90 -9.32 4.72 -0.41
CA ALA A 90 -9.91 3.38 -0.49
C ALA A 90 -11.42 3.37 -0.50
N GLY A 91 -12.08 4.53 -0.47
CA GLY A 91 -13.52 4.63 -0.53
C GLY A 91 -14.24 4.53 0.79
N ILE A 92 -13.61 4.43 1.92
CA ILE A 92 -14.24 4.30 3.25
C ILE A 92 -14.17 5.61 4.01
N GLU A 93 -15.22 6.01 4.74
CA GLU A 93 -15.22 7.33 5.33
C GLU A 93 -14.24 7.51 6.50
N VAL A 94 -13.88 6.42 7.14
CA VAL A 94 -12.94 6.28 8.30
C VAL A 94 -11.48 6.39 7.79
N ALA A 95 -10.55 6.03 8.68
CA ALA A 95 -9.14 5.77 8.29
C ALA A 95 -8.91 4.36 7.73
N ALA A 96 -7.86 4.03 7.01
CA ALA A 96 -7.29 2.70 6.87
C ALA A 96 -5.74 2.68 7.00
N ALA A 97 -5.16 1.97 7.97
CA ALA A 97 -3.73 1.93 8.27
C ALA A 97 -2.82 1.15 7.25
N SER A 98 -3.44 0.22 6.48
CA SER A 98 -2.91 -0.43 5.30
C SER A 98 -4.06 -0.80 4.30
N VAL A 99 -3.77 -0.88 3.02
CA VAL A 99 -4.59 -1.24 1.89
C VAL A 99 -3.80 -1.98 0.80
N ALA A 100 -4.48 -2.88 0.15
CA ALA A 100 -3.85 -3.78 -0.87
C ALA A 100 -4.58 -3.75 -2.24
N ILE A 101 -3.81 -3.91 -3.30
CA ILE A 101 -4.21 -4.03 -4.72
C ILE A 101 -4.33 -5.50 -5.11
N ILE A 102 -5.52 -5.96 -5.49
CA ILE A 102 -5.78 -7.37 -5.89
C ILE A 102 -6.00 -7.40 -7.40
N GLU A 103 -6.58 -6.37 -8.03
CA GLU A 103 -6.62 -6.17 -9.51
C GLU A 103 -6.61 -4.63 -9.79
N PRO A 104 -5.58 -4.08 -10.53
CA PRO A 104 -5.47 -2.64 -10.79
C PRO A 104 -6.56 -2.03 -11.76
N GLY A 105 -7.33 -2.83 -12.46
CA GLY A 105 -8.39 -2.32 -13.36
C GLY A 105 -7.86 -1.44 -14.52
N LYS A 106 -8.24 -0.17 -14.50
CA LYS A 106 -7.78 0.97 -15.38
C LYS A 106 -6.34 1.42 -14.89
N ALA A 107 -5.92 1.17 -13.67
CA ALA A 107 -4.59 1.66 -13.19
C ALA A 107 -3.49 0.61 -13.36
N ARG A 108 -3.54 -0.28 -14.37
CA ARG A 108 -2.51 -1.34 -14.50
C ARG A 108 -1.08 -0.84 -14.79
N ASP A 109 -0.84 -0.06 -15.80
CA ASP A 109 0.51 0.49 -16.03
C ASP A 109 0.94 1.45 -14.95
N LEU A 110 -0.02 2.11 -14.26
CA LEU A 110 0.25 3.04 -13.15
C LEU A 110 0.74 2.35 -11.86
N VAL A 111 0.15 1.18 -11.44
CA VAL A 111 0.70 0.26 -10.42
C VAL A 111 1.97 -0.35 -10.89
N GLU A 112 2.16 -0.59 -12.17
CA GLU A 112 3.40 -1.13 -12.86
C GLU A 112 4.67 -0.23 -12.78
N GLU A 113 4.53 1.06 -13.21
CA GLU A 113 5.57 2.00 -13.15
C GLU A 113 5.93 2.55 -11.79
N ILE A 114 4.98 2.50 -10.80
CA ILE A 114 5.36 2.80 -9.38
C ILE A 114 6.02 1.58 -8.73
N ALA A 115 5.74 0.34 -9.15
CA ALA A 115 6.48 -0.80 -8.65
C ALA A 115 7.93 -0.94 -9.08
N MET A 116 8.23 -0.52 -10.34
CA MET A 116 9.59 -0.35 -10.83
C MET A 116 10.40 0.75 -10.08
N LYS A 117 9.70 1.79 -9.65
CA LYS A 117 10.28 2.88 -8.78
C LYS A 117 10.57 2.42 -7.30
N VAL A 118 9.78 1.42 -6.76
CA VAL A 118 10.03 0.85 -5.41
C VAL A 118 11.23 -0.10 -5.57
N LYS A 119 11.21 -0.95 -6.62
CA LYS A 119 12.29 -1.92 -6.86
C LYS A 119 13.69 -1.38 -6.80
N GLU A 120 13.99 -0.24 -7.46
CA GLU A 120 15.39 0.32 -7.43
C GLU A 120 15.78 0.95 -6.01
N LEU A 121 14.80 1.10 -5.14
CA LEU A 121 14.94 1.67 -3.80
C LEU A 121 15.03 0.59 -2.66
N MET A 122 14.41 -0.53 -2.80
CA MET A 122 14.46 -1.63 -1.83
C MET A 122 15.77 -2.43 -2.03
N LYS A 123 16.90 -1.82 -1.55
CA LYS A 123 18.24 -2.21 -1.92
C LYS A 123 19.25 -2.00 -0.73
N LYS A 3 7.50 10.33 12.82
CA LYS A 3 8.25 9.35 12.09
C LYS A 3 8.17 8.01 12.84
N PRO A 4 7.79 6.89 12.19
CA PRO A 4 7.85 5.49 12.75
C PRO A 4 9.09 4.63 12.31
N SER A 5 9.34 3.51 13.01
CA SER A 5 10.40 2.55 12.79
C SER A 5 10.31 1.88 11.45
N TYR A 6 9.14 1.61 10.87
CA TYR A 6 8.93 0.74 9.68
C TYR A 6 9.18 1.22 8.32
N VAL A 7 9.53 2.47 8.24
CA VAL A 7 10.00 3.01 6.94
C VAL A 7 11.43 2.56 6.63
N LYS A 8 11.69 1.75 5.58
CA LYS A 8 13.01 1.27 5.15
C LYS A 8 13.66 1.98 3.98
N PHE A 9 13.05 2.95 3.40
CA PHE A 9 13.52 3.98 2.43
C PHE A 9 12.52 5.15 2.62
N GLU A 10 13.00 6.38 2.49
CA GLU A 10 12.19 7.62 2.59
C GLU A 10 11.45 7.99 1.32
N VAL A 11 10.39 8.78 1.43
CA VAL A 11 9.46 8.86 0.29
C VAL A 11 8.99 10.36 0.21
N PRO A 12 9.26 11.09 -0.87
CA PRO A 12 8.94 12.55 -1.08
C PRO A 12 7.42 12.71 -1.44
N LYS A 13 7.03 13.85 -1.99
CA LYS A 13 5.68 14.05 -2.54
C LYS A 13 5.31 13.09 -3.71
N GLU A 14 6.20 12.78 -4.57
CA GLU A 14 6.08 11.87 -5.70
C GLU A 14 6.22 10.39 -5.20
N LEU A 15 5.75 9.41 -6.00
CA LEU A 15 5.46 8.04 -5.58
C LEU A 15 4.35 7.94 -4.55
N ALA A 16 4.42 8.71 -3.48
CA ALA A 16 3.27 8.82 -2.51
C ALA A 16 1.90 9.38 -3.05
N GLU A 17 2.07 10.45 -3.82
CA GLU A 17 0.91 10.89 -4.56
C GLU A 17 0.57 9.91 -5.67
N LYS A 18 1.53 9.24 -6.26
CA LYS A 18 1.28 8.45 -7.43
C LYS A 18 0.54 7.11 -6.94
N ALA A 19 0.78 6.69 -5.73
CA ALA A 19 0.14 5.51 -5.11
C ALA A 19 -1.25 5.88 -4.56
N LEU A 20 -1.54 7.14 -4.09
CA LEU A 20 -2.93 7.66 -3.70
C LEU A 20 -3.88 7.62 -4.89
N GLN A 21 -3.38 8.23 -6.00
CA GLN A 21 -4.19 8.27 -7.21
C GLN A 21 -4.28 6.88 -7.84
N ALA A 22 -3.41 5.91 -7.65
CA ALA A 22 -3.62 4.52 -8.04
C ALA A 22 -4.67 3.76 -7.16
N VAL A 23 -4.73 3.99 -5.85
CA VAL A 23 -5.80 3.50 -5.02
C VAL A 23 -7.12 4.06 -5.52
N GLU A 24 -7.23 5.33 -5.82
CA GLU A 24 -8.47 5.88 -6.33
C GLU A 24 -9.10 5.15 -7.51
N ILE A 25 -8.30 4.88 -8.53
CA ILE A 25 -8.65 4.13 -9.70
C ILE A 25 -8.86 2.61 -9.42
N ALA A 26 -8.11 1.87 -8.62
CA ALA A 26 -8.17 0.44 -8.40
C ALA A 26 -9.44 0.15 -7.51
N ARG A 27 -9.88 1.02 -6.57
CA ARG A 27 -11.17 0.87 -5.78
C ARG A 27 -12.32 0.38 -6.64
N ASP A 28 -12.58 1.13 -7.70
CA ASP A 28 -13.80 1.04 -8.47
C ASP A 28 -13.70 0.59 -9.91
N THR A 29 -12.55 0.72 -10.56
CA THR A 29 -12.28 0.13 -11.91
C THR A 29 -11.59 -1.18 -11.80
N GLY A 30 -11.01 -1.55 -10.57
CA GLY A 30 -10.34 -2.83 -10.36
C GLY A 30 -10.80 -3.63 -9.12
N LYS A 31 -9.86 -4.32 -8.43
CA LYS A 31 -10.15 -5.07 -7.18
C LYS A 31 -9.26 -4.73 -6.00
N ILE A 32 -9.74 -4.63 -4.76
CA ILE A 32 -8.94 -3.91 -3.71
C ILE A 32 -9.29 -4.57 -2.32
N ARG A 33 -8.39 -4.49 -1.32
CA ARG A 33 -8.76 -4.82 0.12
C ARG A 33 -8.17 -3.77 1.04
N LYS A 34 -8.84 -3.58 2.21
CA LYS A 34 -8.60 -2.42 3.17
C LYS A 34 -8.81 -2.77 4.64
N GLY A 35 -8.02 -2.08 5.51
CA GLY A 35 -7.87 -2.39 6.91
C GLY A 35 -6.78 -3.45 7.14
N THR A 36 -6.17 -3.50 8.38
CA THR A 36 -4.93 -4.32 8.62
C THR A 36 -5.19 -5.80 8.45
N ASN A 37 -6.29 -6.39 8.99
CA ASN A 37 -6.56 -7.78 8.78
C ASN A 37 -6.74 -8.18 7.28
N GLU A 38 -7.60 -7.50 6.54
CA GLU A 38 -7.94 -7.95 5.19
C GLU A 38 -6.63 -7.71 4.35
N THR A 39 -5.80 -6.72 4.65
CA THR A 39 -4.45 -6.56 4.01
C THR A 39 -3.49 -7.74 4.18
N THR A 40 -3.43 -8.19 5.43
CA THR A 40 -2.44 -9.15 5.89
C THR A 40 -2.82 -10.54 5.40
N LYS A 41 -4.12 -10.84 5.51
CA LYS A 41 -4.77 -12.00 4.93
C LYS A 41 -4.81 -11.94 3.39
N ALA A 42 -4.72 -10.80 2.68
CA ALA A 42 -4.40 -10.79 1.25
C ALA A 42 -2.99 -11.23 0.84
N VAL A 43 -2.05 -10.54 1.43
CA VAL A 43 -0.59 -10.69 1.09
C VAL A 43 -0.04 -12.11 1.13
N GLU A 44 -0.30 -12.88 2.19
CA GLU A 44 0.03 -14.28 2.28
C GLU A 44 -0.64 -15.13 1.18
N ARG A 45 -1.78 -14.69 0.70
CA ARG A 45 -2.73 -15.61 0.00
C ARG A 45 -2.06 -16.27 -1.20
N GLY A 46 -1.31 -15.51 -2.01
CA GLY A 46 -0.81 -16.10 -3.31
C GLY A 46 0.00 -15.09 -4.09
N GLN A 47 -0.63 -14.01 -4.46
CA GLN A 47 0.06 -12.79 -5.11
C GLN A 47 -0.69 -11.47 -5.08
N ALA A 48 -0.33 -10.50 -4.24
CA ALA A 48 -0.73 -9.13 -4.27
C ALA A 48 0.00 -8.36 -5.37
N LYS A 49 -0.79 -7.56 -6.10
CA LYS A 49 -0.20 -6.60 -7.04
C LYS A 49 0.61 -5.38 -6.48
N LEU A 50 0.20 -4.92 -5.30
CA LEU A 50 0.91 -3.85 -4.51
C LEU A 50 0.30 -3.87 -3.09
N VAL A 51 1.01 -3.32 -2.12
CA VAL A 51 0.51 -2.92 -0.78
C VAL A 51 1.00 -1.62 -0.35
N ILE A 52 0.13 -0.88 0.31
CA ILE A 52 0.31 0.52 0.65
C ILE A 52 0.08 0.63 2.22
N ILE A 53 0.99 1.41 2.90
CA ILE A 53 0.92 1.55 4.36
C ILE A 53 0.95 3.08 4.78
N ALA A 54 0.24 3.53 5.81
CA ALA A 54 0.27 4.92 6.19
C ALA A 54 1.51 5.35 6.98
N GLU A 55 1.77 6.62 7.28
CA GLU A 55 2.86 7.09 8.17
C GLU A 55 2.38 7.95 9.44
N ASP A 56 1.36 7.56 10.16
CA ASP A 56 0.85 8.28 11.34
C ASP A 56 0.24 7.26 12.30
N VAL A 57 0.40 5.94 12.01
CA VAL A 57 0.01 4.77 12.76
C VAL A 57 0.56 4.80 14.20
N ASP A 58 -0.32 4.43 15.11
CA ASP A 58 0.03 4.41 16.48
C ASP A 58 -0.98 3.45 17.10
N PRO A 59 -0.55 2.31 17.72
CA PRO A 59 0.79 1.82 17.83
C PRO A 59 1.38 1.38 16.48
N GLU A 60 2.48 2.10 16.12
CA GLU A 60 3.13 1.87 14.77
C GLU A 60 3.48 0.39 14.48
N GLU A 61 3.65 -0.36 15.56
CA GLU A 61 3.87 -1.86 15.50
C GLU A 61 2.71 -2.74 15.01
N ILE A 62 1.51 -2.22 14.91
CA ILE A 62 0.31 -2.84 14.28
C ILE A 62 0.46 -3.07 12.78
N VAL A 63 1.31 -2.39 12.07
CA VAL A 63 1.52 -2.64 10.65
C VAL A 63 2.90 -3.19 10.26
N ALA A 64 3.85 -3.30 11.20
CA ALA A 64 5.25 -3.53 11.06
C ALA A 64 5.66 -4.89 10.58
N HIS A 65 4.67 -5.86 10.63
CA HIS A 65 4.83 -7.21 10.08
C HIS A 65 4.67 -7.28 8.54
N LEU A 66 4.06 -6.32 7.85
CA LEU A 66 3.75 -6.34 6.39
C LEU A 66 5.02 -6.23 5.51
N PRO A 67 6.05 -5.36 5.78
CA PRO A 67 7.25 -5.35 4.87
C PRO A 67 8.00 -6.69 4.91
N PRO A 68 8.30 -7.32 6.06
CA PRO A 68 8.93 -8.63 6.11
C PRO A 68 8.06 -9.77 5.51
N LEU A 69 6.72 -9.61 5.55
CA LEU A 69 5.89 -10.69 4.95
C LEU A 69 5.91 -10.52 3.42
N CYS A 70 6.00 -9.26 2.91
CA CYS A 70 6.21 -8.93 1.51
C CYS A 70 7.52 -9.36 0.94
N GLU A 71 8.55 -9.41 1.80
CA GLU A 71 9.87 -9.88 1.42
C GLU A 71 9.81 -11.42 1.17
N GLU A 72 8.93 -12.12 1.99
CA GLU A 72 8.82 -13.53 1.98
C GLU A 72 7.99 -13.90 0.68
N LYS A 73 6.88 -13.21 0.48
CA LYS A 73 5.92 -13.48 -0.64
C LYS A 73 6.32 -12.81 -1.93
N GLU A 74 7.41 -12.06 -2.00
CA GLU A 74 7.94 -11.32 -3.16
C GLU A 74 7.00 -10.17 -3.64
N ILE A 75 6.40 -9.36 -2.76
CA ILE A 75 5.38 -8.37 -3.12
C ILE A 75 5.92 -6.89 -2.87
N PRO A 76 5.63 -5.90 -3.74
CA PRO A 76 6.22 -4.57 -3.65
C PRO A 76 5.50 -3.76 -2.60
N TYR A 77 6.12 -2.77 -1.98
CA TYR A 77 5.45 -2.01 -0.91
C TYR A 77 5.82 -0.56 -0.98
N ILE A 78 4.92 0.32 -0.51
CA ILE A 78 5.19 1.77 -0.39
C ILE A 78 4.45 2.33 0.84
N TYR A 79 4.88 3.48 1.24
CA TYR A 79 4.41 4.27 2.37
C TYR A 79 3.71 5.57 1.96
N VAL A 80 2.55 5.91 2.52
CA VAL A 80 1.78 7.20 2.22
C VAL A 80 1.47 8.04 3.52
N PRO A 81 1.06 9.28 3.48
CA PRO A 81 1.03 10.18 4.59
C PRO A 81 0.17 9.85 5.82
N SER A 82 -1.12 9.50 5.65
CA SER A 82 -1.96 9.02 6.73
C SER A 82 -3.05 7.93 6.50
N LYS A 83 -3.54 7.30 7.61
CA LYS A 83 -4.66 6.35 7.60
C LYS A 83 -6.00 7.01 7.53
N LYS A 84 -6.13 8.36 7.81
CA LYS A 84 -7.32 9.17 7.50
C LYS A 84 -7.50 9.22 5.96
N GLU A 85 -6.43 9.61 5.34
CA GLU A 85 -6.36 9.72 3.87
C GLU A 85 -6.37 8.38 3.22
N LEU A 86 -5.62 7.35 3.67
CA LEU A 86 -5.62 6.04 2.98
C LEU A 86 -7.00 5.37 3.03
N GLY A 87 -7.80 5.49 4.12
CA GLY A 87 -9.16 5.00 4.22
C GLY A 87 -10.04 5.73 3.24
N ALA A 88 -10.03 7.07 3.27
CA ALA A 88 -10.90 7.83 2.36
C ALA A 88 -10.62 7.40 0.85
N ALA A 89 -9.34 7.37 0.43
CA ALA A 89 -8.94 6.82 -0.92
C ALA A 89 -9.42 5.37 -1.17
N ALA A 90 -9.56 4.51 -0.16
CA ALA A 90 -10.21 3.16 -0.31
C ALA A 90 -11.75 3.18 -0.37
N GLY A 91 -12.45 4.34 -0.05
CA GLY A 91 -13.90 4.40 -0.18
C GLY A 91 -14.67 4.12 1.07
N ILE A 92 -14.01 4.19 2.19
CA ILE A 92 -14.68 4.02 3.51
C ILE A 92 -14.64 5.31 4.44
N GLU A 93 -15.60 5.45 5.38
CA GLU A 93 -15.63 6.59 6.32
C GLU A 93 -14.57 6.52 7.42
N VAL A 94 -14.27 5.31 7.87
CA VAL A 94 -13.28 5.13 8.95
C VAL A 94 -11.88 5.13 8.32
N ALA A 95 -10.89 5.17 9.17
CA ALA A 95 -9.47 5.00 8.73
C ALA A 95 -9.12 3.61 8.22
N ALA A 96 -7.99 3.67 7.46
CA ALA A 96 -7.32 2.41 7.10
C ALA A 96 -5.83 2.51 7.38
N ALA A 97 -5.29 1.64 8.26
CA ALA A 97 -3.86 1.73 8.52
C ALA A 97 -3.05 1.27 7.26
N SER A 98 -3.62 0.36 6.39
CA SER A 98 -3.04 -0.22 5.17
C SER A 98 -4.12 -0.71 4.17
N VAL A 99 -3.79 -0.90 2.91
CA VAL A 99 -4.68 -1.24 1.75
C VAL A 99 -3.80 -2.06 0.83
N ALA A 100 -4.44 -3.03 0.14
CA ALA A 100 -3.72 -3.82 -0.87
C ALA A 100 -4.51 -3.90 -2.21
N ILE A 101 -3.83 -3.86 -3.36
CA ILE A 101 -4.39 -3.90 -4.72
C ILE A 101 -4.43 -5.38 -5.22
N ILE A 102 -5.64 -5.94 -5.46
CA ILE A 102 -5.80 -7.33 -5.92
C ILE A 102 -5.77 -7.21 -7.52
N GLU A 103 -6.39 -6.25 -8.22
CA GLU A 103 -6.24 -6.12 -9.69
C GLU A 103 -6.40 -4.60 -9.92
N PRO A 104 -5.43 -3.96 -10.73
CA PRO A 104 -5.41 -2.52 -10.89
C PRO A 104 -6.65 -1.91 -11.48
N GLY A 105 -7.54 -2.67 -12.17
CA GLY A 105 -8.53 -2.07 -13.04
C GLY A 105 -8.00 -1.47 -14.32
N LYS A 106 -8.41 -0.23 -14.61
CA LYS A 106 -7.85 0.67 -15.66
C LYS A 106 -6.30 0.94 -15.39
N ALA A 107 -5.89 1.01 -14.13
CA ALA A 107 -4.55 1.48 -13.69
C ALA A 107 -3.35 0.58 -13.93
N ARG A 108 -3.43 -0.42 -14.86
CA ARG A 108 -2.37 -1.34 -15.02
C ARG A 108 -0.91 -0.84 -15.30
N ASP A 109 -0.81 0.15 -16.16
CA ASP A 109 0.46 0.77 -16.48
C ASP A 109 0.96 1.51 -15.25
N LEU A 110 -0.03 2.21 -14.58
CA LEU A 110 0.28 3.05 -13.42
C LEU A 110 0.83 2.33 -12.16
N VAL A 111 0.26 1.08 -11.94
CA VAL A 111 0.73 0.15 -10.91
C VAL A 111 2.04 -0.54 -11.28
N GLU A 112 2.38 -0.81 -12.56
CA GLU A 112 3.67 -1.46 -12.92
C GLU A 112 4.71 -0.33 -12.88
N GLU A 113 4.47 0.88 -13.43
CA GLU A 113 5.50 2.02 -13.33
C GLU A 113 5.89 2.43 -11.89
N ILE A 114 5.01 2.41 -10.89
CA ILE A 114 5.40 2.63 -9.52
C ILE A 114 6.11 1.36 -8.91
N ALA A 115 5.71 0.16 -9.22
CA ALA A 115 6.36 -1.04 -8.73
C ALA A 115 7.82 -1.21 -9.27
N MET A 116 8.11 -0.78 -10.51
CA MET A 116 9.48 -0.55 -11.07
C MET A 116 10.44 0.46 -10.29
N LYS A 117 9.85 1.64 -9.90
CA LYS A 117 10.48 2.78 -9.25
C LYS A 117 10.75 2.52 -7.77
N VAL A 118 9.87 1.80 -7.08
CA VAL A 118 9.96 1.19 -5.75
C VAL A 118 11.16 0.27 -5.60
N LYS A 119 11.24 -0.68 -6.54
CA LYS A 119 12.43 -1.62 -6.67
C LYS A 119 13.80 -0.91 -6.61
N GLU A 120 13.96 0.25 -7.28
CA GLU A 120 15.19 1.01 -7.58
C GLU A 120 15.67 1.87 -6.41
N LEU A 121 14.79 2.06 -5.40
CA LEU A 121 15.23 2.74 -4.09
C LEU A 121 15.05 1.83 -2.85
N MET A 122 14.33 0.68 -2.97
CA MET A 122 14.33 -0.34 -1.86
C MET A 122 15.70 -1.12 -1.65
N LYS A 123 16.57 -1.39 -2.68
CA LYS A 123 17.95 -1.86 -2.56
C LYS A 123 18.82 -1.03 -1.61
N LYS A 3 8.51 9.76 13.45
CA LYS A 3 8.69 8.85 12.37
C LYS A 3 8.85 7.50 12.88
N PRO A 4 8.08 6.51 12.37
CA PRO A 4 8.12 5.17 13.02
C PRO A 4 9.29 4.29 12.50
N SER A 5 9.56 3.18 13.19
CA SER A 5 10.71 2.27 12.97
C SER A 5 10.49 1.31 11.75
N TYR A 6 9.29 0.93 11.45
CA TYR A 6 8.98 0.00 10.34
C TYR A 6 9.44 0.47 9.01
N VAL A 7 9.56 1.78 8.67
CA VAL A 7 9.94 2.32 7.40
C VAL A 7 11.35 1.91 7.03
N LYS A 8 11.45 1.35 5.84
CA LYS A 8 12.73 0.93 5.24
C LYS A 8 13.31 1.87 4.22
N PHE A 9 12.54 2.89 3.83
CA PHE A 9 12.95 3.98 2.91
C PHE A 9 12.05 5.18 3.14
N GLU A 10 12.55 6.34 2.65
CA GLU A 10 11.80 7.59 2.49
C GLU A 10 11.15 7.78 1.13
N VAL A 11 10.10 8.65 1.07
CA VAL A 11 9.21 8.92 -0.07
C VAL A 11 9.03 10.40 -0.14
N PRO A 12 9.16 11.11 -1.30
CA PRO A 12 8.82 12.57 -1.47
C PRO A 12 7.35 12.63 -1.75
N LYS A 13 6.89 13.79 -2.16
CA LYS A 13 5.53 13.96 -2.61
C LYS A 13 5.20 13.30 -3.93
N GLU A 14 6.17 13.17 -4.84
CA GLU A 14 6.10 12.19 -5.90
C GLU A 14 6.22 10.71 -5.43
N LEU A 15 5.71 9.77 -6.21
CA LEU A 15 5.37 8.42 -5.68
C LEU A 15 4.25 8.43 -4.61
N ALA A 16 4.30 9.20 -3.51
CA ALA A 16 3.23 9.14 -2.49
C ALA A 16 1.86 9.57 -3.02
N GLU A 17 1.88 10.68 -3.81
CA GLU A 17 0.68 11.20 -4.40
C GLU A 17 0.19 10.25 -5.55
N LYS A 18 1.14 9.66 -6.31
CA LYS A 18 0.92 8.71 -7.46
C LYS A 18 0.32 7.37 -6.95
N ALA A 19 0.75 6.84 -5.77
CA ALA A 19 0.08 5.72 -5.10
C ALA A 19 -1.39 5.92 -4.67
N LEU A 20 -1.61 7.07 -4.15
CA LEU A 20 -2.84 7.48 -3.50
C LEU A 20 -3.93 7.48 -4.55
N GLN A 21 -3.74 8.10 -5.77
CA GLN A 21 -4.62 7.92 -6.93
C GLN A 21 -4.61 6.50 -7.59
N ALA A 22 -3.56 5.67 -7.38
CA ALA A 22 -3.66 4.25 -7.75
C ALA A 22 -4.72 3.47 -6.96
N VAL A 23 -4.96 3.84 -5.72
CA VAL A 23 -6.07 3.26 -4.96
C VAL A 23 -7.42 3.87 -5.39
N GLU A 24 -7.45 5.20 -5.63
CA GLU A 24 -8.77 5.74 -6.11
C GLU A 24 -9.34 5.14 -7.39
N ILE A 25 -8.52 4.44 -8.16
CA ILE A 25 -9.03 3.93 -9.46
C ILE A 25 -9.19 2.40 -9.43
N ALA A 26 -8.31 1.75 -8.70
CA ALA A 26 -8.49 0.24 -8.46
C ALA A 26 -9.75 -0.10 -7.68
N ARG A 27 -10.17 0.92 -6.83
CA ARG A 27 -11.48 0.94 -6.12
C ARG A 27 -12.71 0.66 -7.05
N ASP A 28 -12.76 1.14 -8.31
CA ASP A 28 -14.02 1.19 -9.12
C ASP A 28 -13.77 0.54 -10.51
N THR A 29 -12.57 0.50 -11.00
CA THR A 29 -12.30 -0.19 -12.26
C THR A 29 -11.74 -1.57 -12.04
N GLY A 30 -11.49 -1.95 -10.76
CA GLY A 30 -10.67 -3.15 -10.38
C GLY A 30 -11.10 -3.87 -9.09
N LYS A 31 -10.17 -4.37 -8.24
CA LYS A 31 -10.42 -5.04 -7.01
C LYS A 31 -9.38 -4.62 -5.89
N ILE A 32 -9.81 -4.20 -4.68
CA ILE A 32 -9.15 -3.58 -3.56
C ILE A 32 -9.54 -4.37 -2.26
N ARG A 33 -8.59 -4.46 -1.31
CA ARG A 33 -8.85 -4.88 0.05
C ARG A 33 -8.35 -3.74 0.93
N LYS A 34 -9.10 -3.45 2.00
CA LYS A 34 -8.82 -2.33 2.87
C LYS A 34 -8.94 -2.83 4.30
N GLY A 35 -8.26 -2.14 5.20
CA GLY A 35 -8.13 -2.54 6.59
C GLY A 35 -6.87 -3.47 6.72
N THR A 36 -6.36 -3.64 7.94
CA THR A 36 -5.09 -4.25 8.22
C THR A 36 -5.22 -5.78 8.19
N ASN A 37 -6.29 -6.35 8.80
CA ASN A 37 -6.48 -7.82 8.70
C ASN A 37 -6.70 -8.20 7.30
N GLU A 38 -7.62 -7.55 6.57
CA GLU A 38 -7.83 -7.92 5.14
C GLU A 38 -6.58 -7.72 4.22
N THR A 39 -5.76 -6.65 4.43
CA THR A 39 -4.46 -6.51 3.79
C THR A 39 -3.52 -7.68 4.16
N THR A 40 -3.44 -8.04 5.44
CA THR A 40 -2.63 -9.18 5.90
C THR A 40 -3.06 -10.55 5.39
N LYS A 41 -4.38 -10.81 5.24
CA LYS A 41 -4.93 -11.99 4.60
C LYS A 41 -4.58 -11.99 3.14
N ALA A 42 -4.54 -10.82 2.50
CA ALA A 42 -4.29 -10.76 1.04
C ALA A 42 -2.79 -10.97 0.72
N VAL A 43 -1.86 -10.39 1.46
CA VAL A 43 -0.45 -10.72 1.19
C VAL A 43 -0.03 -12.22 1.68
N GLU A 44 -0.66 -12.78 2.69
CA GLU A 44 -0.46 -14.23 3.13
C GLU A 44 -0.98 -15.27 2.15
N ARG A 45 -1.95 -14.90 1.29
CA ARG A 45 -2.42 -15.78 0.19
C ARG A 45 -1.55 -15.84 -1.06
N GLY A 46 -0.27 -15.80 -0.98
CA GLY A 46 0.63 -16.28 -2.12
C GLY A 46 0.79 -15.34 -3.30
N GLN A 47 -0.24 -14.44 -3.55
CA GLN A 47 -0.36 -13.61 -4.72
C GLN A 47 -0.95 -12.32 -4.38
N ALA A 48 -0.40 -11.17 -4.85
CA ALA A 48 -0.97 -9.82 -4.80
C ALA A 48 -0.35 -8.99 -5.97
N LYS A 49 -0.64 -7.68 -6.06
CA LYS A 49 -0.12 -6.80 -7.08
C LYS A 49 0.74 -5.75 -6.42
N LEU A 50 0.16 -4.99 -5.49
CA LEU A 50 0.92 -4.02 -4.68
C LEU A 50 0.20 -3.76 -3.35
N VAL A 51 0.90 -3.16 -2.38
CA VAL A 51 0.34 -2.92 -0.97
C VAL A 51 0.77 -1.56 -0.47
N ILE A 52 -0.08 -0.99 0.38
CA ILE A 52 0.24 0.37 0.89
C ILE A 52 0.06 0.38 2.42
N ILE A 53 0.87 1.19 3.19
CA ILE A 53 0.90 1.31 4.69
C ILE A 53 0.98 2.80 4.95
N ALA A 54 0.31 3.18 6.04
CA ALA A 54 0.28 4.61 6.50
C ALA A 54 1.54 4.82 7.39
N GLU A 55 2.07 6.05 7.41
CA GLU A 55 3.17 6.47 8.25
C GLU A 55 2.86 6.94 9.64
N ASP A 56 1.57 7.23 9.99
CA ASP A 56 1.09 7.75 11.30
C ASP A 56 0.31 6.72 12.17
N VAL A 57 0.59 5.44 11.96
CA VAL A 57 -0.04 4.32 12.68
C VAL A 57 0.47 4.41 14.08
N ASP A 58 -0.49 4.27 15.05
CA ASP A 58 -0.15 4.29 16.49
C ASP A 58 -0.96 3.17 17.18
N PRO A 59 -0.36 2.16 17.85
CA PRO A 59 1.09 1.98 18.01
C PRO A 59 1.83 1.35 16.85
N GLU A 60 3.03 1.86 16.53
CA GLU A 60 3.65 1.61 15.18
C GLU A 60 3.74 0.09 14.88
N GLU A 61 3.73 -0.77 15.86
CA GLU A 61 3.88 -2.21 15.65
C GLU A 61 2.80 -2.88 14.82
N ILE A 62 1.61 -2.34 14.78
CA ILE A 62 0.43 -3.03 14.28
C ILE A 62 0.41 -3.13 12.65
N VAL A 63 1.46 -2.57 11.93
CA VAL A 63 1.67 -2.76 10.46
C VAL A 63 3.08 -3.24 10.25
N ALA A 64 3.91 -3.38 11.26
CA ALA A 64 5.38 -3.71 11.10
C ALA A 64 5.64 -5.06 10.45
N HIS A 65 4.60 -5.94 10.47
CA HIS A 65 4.67 -7.33 9.99
C HIS A 65 4.50 -7.36 8.54
N LEU A 66 3.92 -6.28 7.92
CA LEU A 66 3.63 -6.27 6.46
C LEU A 66 4.94 -6.14 5.58
N PRO A 67 5.99 -5.28 5.83
CA PRO A 67 7.17 -5.18 4.96
C PRO A 67 7.97 -6.51 4.99
N PRO A 68 8.41 -7.13 6.14
CA PRO A 68 9.11 -8.44 6.19
C PRO A 68 8.25 -9.52 5.44
N LEU A 69 6.92 -9.58 5.47
CA LEU A 69 6.17 -10.55 4.71
C LEU A 69 6.19 -10.20 3.20
N CYS A 70 6.13 -8.95 2.82
CA CYS A 70 6.17 -8.53 1.47
C CYS A 70 7.52 -8.76 0.82
N GLU A 71 8.62 -8.68 1.54
CA GLU A 71 9.96 -9.06 1.00
C GLU A 71 10.05 -10.57 0.77
N GLU A 72 9.53 -11.40 1.67
CA GLU A 72 9.52 -12.87 1.67
C GLU A 72 8.50 -13.49 0.66
N LYS A 73 7.41 -12.79 0.42
CA LYS A 73 6.48 -13.06 -0.71
C LYS A 73 6.86 -12.43 -2.02
N GLU A 74 7.86 -11.54 -2.03
CA GLU A 74 8.39 -10.85 -3.18
C GLU A 74 7.30 -9.87 -3.82
N ILE A 75 6.57 -9.15 -3.02
CA ILE A 75 5.50 -8.20 -3.32
C ILE A 75 5.97 -6.70 -3.09
N PRO A 76 5.70 -5.81 -4.05
CA PRO A 76 6.05 -4.41 -3.86
C PRO A 76 5.15 -3.69 -2.88
N TYR A 77 5.76 -2.98 -1.89
CA TYR A 77 5.09 -2.13 -0.88
C TYR A 77 5.61 -0.67 -1.02
N ILE A 78 4.72 0.26 -0.53
CA ILE A 78 4.99 1.65 -0.31
C ILE A 78 4.40 2.28 0.96
N TYR A 79 5.01 3.40 1.45
CA TYR A 79 4.42 4.12 2.57
C TYR A 79 3.78 5.41 2.17
N VAL A 80 2.71 5.88 2.87
CA VAL A 80 2.00 7.20 2.62
C VAL A 80 1.82 8.04 3.94
N PRO A 81 1.86 9.40 3.88
CA PRO A 81 1.84 10.21 5.16
C PRO A 81 0.57 10.21 6.06
N SER A 82 -0.58 9.53 5.70
CA SER A 82 -1.85 9.69 6.44
C SER A 82 -2.73 8.46 6.29
N LYS A 83 -3.15 7.88 7.43
CA LYS A 83 -4.07 6.77 7.51
C LYS A 83 -5.52 7.23 7.09
N LYS A 84 -5.80 8.51 7.22
CA LYS A 84 -7.10 9.08 6.98
C LYS A 84 -7.23 9.28 5.43
N GLU A 85 -6.21 9.87 4.81
CA GLU A 85 -6.18 9.97 3.32
C GLU A 85 -6.29 8.59 2.57
N LEU A 86 -5.55 7.59 3.13
CA LEU A 86 -5.58 6.24 2.61
C LEU A 86 -6.92 5.46 2.71
N GLY A 87 -7.58 5.76 3.83
CA GLY A 87 -8.96 5.35 4.00
C GLY A 87 -9.96 5.97 3.06
N ALA A 88 -9.82 7.26 2.89
CA ALA A 88 -10.65 8.06 1.95
C ALA A 88 -10.39 7.67 0.50
N ALA A 89 -9.09 7.33 0.22
CA ALA A 89 -8.66 6.79 -1.09
C ALA A 89 -9.32 5.43 -1.25
N ALA A 90 -9.39 4.54 -0.26
CA ALA A 90 -10.11 3.21 -0.30
C ALA A 90 -11.67 3.36 -0.30
N GLY A 91 -12.31 4.54 -0.28
CA GLY A 91 -13.82 4.77 -0.40
C GLY A 91 -14.55 4.59 0.96
N ILE A 92 -13.89 4.44 2.08
CA ILE A 92 -14.46 4.44 3.41
C ILE A 92 -14.27 5.83 4.05
N GLU A 93 -15.14 6.08 4.97
CA GLU A 93 -15.14 7.25 5.81
C GLU A 93 -14.29 6.94 7.11
N VAL A 94 -14.07 5.71 7.55
CA VAL A 94 -13.07 5.43 8.69
C VAL A 94 -11.64 5.27 8.16
N ALA A 95 -10.60 5.38 8.94
CA ALA A 95 -9.23 5.21 8.57
C ALA A 95 -8.85 3.76 8.09
N ALA A 96 -7.75 3.73 7.32
CA ALA A 96 -6.97 2.55 6.93
C ALA A 96 -5.47 2.69 7.30
N ALA A 97 -4.92 1.93 8.24
CA ALA A 97 -3.53 1.70 8.46
C ALA A 97 -2.91 0.93 7.33
N SER A 98 -3.68 0.13 6.58
CA SER A 98 -3.14 -0.56 5.41
C SER A 98 -4.21 -0.78 4.28
N VAL A 99 -3.80 -0.89 2.96
CA VAL A 99 -4.68 -1.16 1.74
C VAL A 99 -4.00 -2.09 0.74
N ALA A 100 -4.74 -2.92 0.01
CA ALA A 100 -4.11 -3.75 -1.02
C ALA A 100 -4.74 -3.79 -2.44
N ILE A 101 -3.89 -3.71 -3.51
CA ILE A 101 -4.26 -4.00 -4.90
C ILE A 101 -4.34 -5.53 -5.15
N ILE A 102 -5.55 -5.94 -5.55
CA ILE A 102 -5.83 -7.29 -6.05
C ILE A 102 -5.90 -7.39 -7.58
N GLU A 103 -6.60 -6.39 -8.22
CA GLU A 103 -6.57 -6.13 -9.63
C GLU A 103 -6.57 -4.59 -9.88
N PRO A 104 -5.50 -3.92 -10.46
CA PRO A 104 -5.41 -2.49 -10.76
C PRO A 104 -6.47 -1.83 -11.65
N GLY A 105 -7.11 -2.64 -12.46
CA GLY A 105 -8.23 -2.31 -13.33
C GLY A 105 -7.58 -1.42 -14.52
N LYS A 106 -8.06 -0.15 -14.71
CA LYS A 106 -7.48 0.86 -15.66
C LYS A 106 -6.09 1.35 -15.17
N ALA A 107 -5.73 1.15 -13.84
CA ALA A 107 -4.43 1.60 -13.31
C ALA A 107 -3.26 0.59 -13.45
N ARG A 108 -3.42 -0.45 -14.27
CA ARG A 108 -2.33 -1.49 -14.55
C ARG A 108 -0.92 -0.95 -14.72
N ASP A 109 -0.72 0.02 -15.61
CA ASP A 109 0.61 0.59 -15.94
C ASP A 109 1.03 1.66 -14.96
N LEU A 110 0.10 2.23 -14.18
CA LEU A 110 0.54 3.11 -13.09
C LEU A 110 1.06 2.32 -11.92
N VAL A 111 0.42 1.22 -11.55
CA VAL A 111 0.89 0.32 -10.53
C VAL A 111 2.14 -0.42 -11.00
N GLU A 112 2.25 -0.79 -12.30
CA GLU A 112 3.57 -1.19 -12.88
C GLU A 112 4.73 -0.16 -12.75
N GLU A 113 4.54 1.10 -13.08
CA GLU A 113 5.55 2.11 -13.12
C GLU A 113 6.00 2.55 -11.70
N ILE A 114 5.12 2.59 -10.68
CA ILE A 114 5.52 2.77 -9.23
C ILE A 114 6.13 1.48 -8.69
N ALA A 115 5.67 0.27 -9.11
CA ALA A 115 6.38 -1.01 -8.77
C ALA A 115 7.92 -1.03 -9.17
N MET A 116 8.20 -0.67 -10.41
CA MET A 116 9.58 -0.52 -10.93
C MET A 116 10.43 0.55 -10.21
N LYS A 117 9.82 1.74 -9.95
CA LYS A 117 10.51 2.82 -9.20
C LYS A 117 10.62 2.53 -7.72
N VAL A 118 9.67 1.75 -7.18
CA VAL A 118 9.75 1.16 -5.86
C VAL A 118 10.87 0.04 -5.82
N LYS A 119 11.05 -0.72 -6.88
CA LYS A 119 12.17 -1.65 -7.02
C LYS A 119 13.51 -0.98 -6.91
N GLU A 120 13.63 0.19 -7.39
CA GLU A 120 14.86 1.03 -7.30
C GLU A 120 15.09 1.67 -5.96
N LEU A 121 14.00 2.08 -5.36
CA LEU A 121 13.99 2.65 -4.03
C LEU A 121 14.19 1.56 -2.92
N MET A 122 13.62 0.36 -3.06
CA MET A 122 13.68 -0.77 -2.11
C MET A 122 15.02 -1.60 -2.11
N LYS A 123 16.14 -0.90 -2.30
CA LYS A 123 17.43 -1.46 -2.67
C LYS A 123 18.61 -1.11 -1.70
N LYS A 3 9.24 9.74 12.86
CA LYS A 3 9.18 8.63 11.88
C LYS A 3 9.28 7.25 12.53
N PRO A 4 8.65 6.17 12.07
CA PRO A 4 8.79 4.88 12.70
C PRO A 4 10.17 4.18 12.42
N SER A 5 10.31 2.93 13.02
CA SER A 5 11.36 2.01 12.60
C SER A 5 11.16 1.07 11.38
N TYR A 6 9.94 0.73 11.00
CA TYR A 6 9.63 -0.06 9.80
C TYR A 6 9.79 0.64 8.43
N VAL A 7 9.99 1.98 8.44
CA VAL A 7 10.29 2.75 7.20
C VAL A 7 11.75 2.60 6.74
N LYS A 8 11.98 1.58 5.93
CA LYS A 8 13.32 1.34 5.28
C LYS A 8 13.80 2.42 4.27
N PHE A 9 12.90 3.34 3.87
CA PHE A 9 13.21 4.52 3.06
C PHE A 9 12.24 5.67 3.37
N GLU A 10 12.63 6.95 3.04
CA GLU A 10 11.71 8.06 2.99
C GLU A 10 11.10 8.22 1.58
N VAL A 11 10.16 9.14 1.42
CA VAL A 11 9.27 9.37 0.19
C VAL A 11 9.15 10.85 -0.16
N PRO A 12 9.34 11.25 -1.43
CA PRO A 12 9.22 12.69 -1.88
C PRO A 12 7.73 13.11 -1.98
N LYS A 13 7.43 14.22 -2.64
CA LYS A 13 6.06 14.49 -3.10
C LYS A 13 5.60 13.53 -4.17
N GLU A 14 6.46 13.15 -5.10
CA GLU A 14 6.18 12.08 -6.07
C GLU A 14 6.02 10.66 -5.46
N LEU A 15 5.61 9.59 -6.17
CA LEU A 15 5.34 8.21 -5.71
C LEU A 15 4.12 8.14 -4.79
N ALA A 16 4.03 9.04 -3.75
CA ALA A 16 3.00 8.99 -2.74
C ALA A 16 1.63 9.41 -3.25
N GLU A 17 1.50 10.55 -3.94
CA GLU A 17 0.22 11.03 -4.55
C GLU A 17 -0.23 10.16 -5.76
N LYS A 18 0.72 9.56 -6.44
CA LYS A 18 0.56 8.62 -7.62
C LYS A 18 0.04 7.30 -7.06
N ALA A 19 0.61 6.74 -5.99
CA ALA A 19 0.01 5.51 -5.34
C ALA A 19 -1.42 5.77 -4.76
N LEU A 20 -1.60 6.89 -4.12
CA LEU A 20 -2.92 7.31 -3.57
C LEU A 20 -4.02 7.50 -4.67
N GLN A 21 -3.78 8.28 -5.72
CA GLN A 21 -4.74 8.44 -6.84
C GLN A 21 -4.94 7.00 -7.48
N ALA A 22 -3.93 6.07 -7.60
CA ALA A 22 -4.12 4.69 -8.14
C ALA A 22 -5.19 3.94 -7.28
N VAL A 23 -5.28 4.26 -5.96
CA VAL A 23 -6.22 3.53 -5.09
C VAL A 23 -7.66 3.89 -5.46
N GLU A 24 -7.90 5.12 -5.88
CA GLU A 24 -9.28 5.56 -6.25
C GLU A 24 -9.73 4.91 -7.59
N ILE A 25 -8.79 4.61 -8.47
CA ILE A 25 -9.10 3.97 -9.81
C ILE A 25 -9.32 2.43 -9.52
N ALA A 26 -8.56 1.76 -8.64
CA ALA A 26 -8.78 0.35 -8.21
C ALA A 26 -10.11 0.17 -7.42
N ARG A 27 -10.64 1.21 -6.80
CA ARG A 27 -11.94 1.26 -6.10
C ARG A 27 -13.16 1.15 -7.00
N ASP A 28 -13.32 1.76 -8.16
CA ASP A 28 -14.46 1.64 -9.05
C ASP A 28 -14.06 0.85 -10.34
N THR A 29 -12.76 0.80 -10.70
CA THR A 29 -12.31 0.23 -11.97
C THR A 29 -11.14 -0.78 -11.83
N GLY A 30 -11.19 -1.56 -10.72
CA GLY A 30 -10.25 -2.58 -10.40
C GLY A 30 -10.74 -3.61 -9.22
N LYS A 31 -9.84 -4.28 -8.50
CA LYS A 31 -9.99 -5.18 -7.39
C LYS A 31 -9.12 -4.82 -6.18
N ILE A 32 -9.58 -4.76 -4.92
CA ILE A 32 -9.00 -4.11 -3.77
C ILE A 32 -9.29 -4.85 -2.52
N ARG A 33 -8.38 -4.80 -1.53
CA ARG A 33 -8.70 -4.99 -0.07
C ARG A 33 -8.29 -3.75 0.76
N LYS A 34 -9.11 -3.45 1.73
CA LYS A 34 -8.99 -2.31 2.66
C LYS A 34 -8.91 -2.79 4.16
N GLY A 35 -8.02 -2.16 4.87
CA GLY A 35 -7.84 -2.41 6.33
C GLY A 35 -6.82 -3.59 6.58
N THR A 36 -6.28 -3.61 7.80
CA THR A 36 -5.07 -4.36 8.08
C THR A 36 -5.21 -5.91 8.20
N ASN A 37 -6.28 -6.47 8.82
CA ASN A 37 -6.67 -7.91 8.74
C ASN A 37 -6.91 -8.40 7.32
N GLU A 38 -7.60 -7.59 6.50
CA GLU A 38 -7.88 -7.81 5.03
C GLU A 38 -6.57 -7.74 4.22
N THR A 39 -5.73 -6.72 4.39
CA THR A 39 -4.29 -6.63 3.82
C THR A 39 -3.30 -7.77 4.12
N THR A 40 -3.30 -8.17 5.38
CA THR A 40 -2.73 -9.44 5.81
C THR A 40 -3.20 -10.73 5.11
N LYS A 41 -4.51 -10.93 5.14
CA LYS A 41 -5.21 -12.09 4.55
C LYS A 41 -4.98 -12.11 2.98
N ALA A 42 -4.66 -10.96 2.39
CA ALA A 42 -4.22 -10.84 1.00
C ALA A 42 -2.77 -11.38 0.84
N VAL A 43 -1.75 -10.72 1.44
CA VAL A 43 -0.32 -11.09 1.18
C VAL A 43 0.08 -12.52 1.58
N GLU A 44 -0.45 -12.97 2.70
CA GLU A 44 -0.22 -14.36 3.16
C GLU A 44 -0.70 -15.45 2.16
N ARG A 45 -1.88 -15.12 1.50
CA ARG A 45 -2.60 -16.07 0.58
C ARG A 45 -2.06 -16.05 -0.86
N GLY A 46 -1.50 -14.97 -1.48
CA GLY A 46 -0.91 -15.02 -2.86
C GLY A 46 -0.28 -13.72 -3.44
N GLN A 47 -0.03 -13.67 -4.75
CA GLN A 47 0.63 -12.49 -5.35
C GLN A 47 -0.30 -11.25 -5.46
N ALA A 48 -0.16 -10.40 -4.39
CA ALA A 48 -0.73 -9.10 -4.31
C ALA A 48 0.04 -8.08 -5.29
N LYS A 49 -0.66 -7.15 -5.97
CA LYS A 49 -0.11 -6.42 -7.09
C LYS A 49 0.54 -5.12 -6.64
N LEU A 50 0.24 -4.64 -5.42
CA LEU A 50 0.84 -3.48 -4.69
C LEU A 50 0.20 -3.60 -3.29
N VAL A 51 0.97 -3.27 -2.23
CA VAL A 51 0.44 -3.03 -0.90
C VAL A 51 0.80 -1.58 -0.42
N ILE A 52 0.01 -0.92 0.31
CA ILE A 52 0.22 0.50 0.83
C ILE A 52 0.01 0.57 2.34
N ILE A 53 0.84 1.32 3.05
CA ILE A 53 0.98 1.41 4.51
C ILE A 53 1.12 2.85 4.98
N ALA A 54 0.33 3.29 5.93
CA ALA A 54 0.44 4.60 6.53
C ALA A 54 1.70 4.85 7.37
N GLU A 55 2.33 6.02 7.46
CA GLU A 55 3.34 6.44 8.42
C GLU A 55 2.78 6.84 9.78
N ASP A 56 1.46 7.22 9.90
CA ASP A 56 1.00 7.89 11.16
C ASP A 56 0.26 6.97 12.20
N VAL A 57 0.81 5.78 12.31
CA VAL A 57 0.35 4.77 13.32
C VAL A 57 0.93 4.96 14.71
N ASP A 58 0.13 4.57 15.73
CA ASP A 58 0.55 4.35 17.08
C ASP A 58 -0.24 3.19 17.58
N PRO A 59 0.42 2.11 18.10
CA PRO A 59 1.85 1.84 18.15
C PRO A 59 2.29 1.39 16.66
N GLU A 60 3.57 1.53 16.27
CA GLU A 60 4.06 1.23 14.91
C GLU A 60 3.92 -0.27 14.57
N GLU A 61 3.98 -1.14 15.55
CA GLU A 61 3.91 -2.54 15.50
C GLU A 61 2.66 -3.23 14.84
N ILE A 62 1.60 -2.44 14.55
CA ILE A 62 0.33 -2.94 13.93
C ILE A 62 0.44 -3.27 12.46
N VAL A 63 1.36 -2.59 11.79
CA VAL A 63 1.67 -2.67 10.30
C VAL A 63 3.12 -3.19 10.13
N ALA A 64 4.01 -3.27 11.18
CA ALA A 64 5.36 -3.62 11.09
C ALA A 64 5.63 -5.00 10.51
N HIS A 65 4.65 -5.92 10.58
CA HIS A 65 4.78 -7.26 9.96
C HIS A 65 4.57 -7.30 8.39
N LEU A 66 4.08 -6.24 7.77
CA LEU A 66 3.71 -6.17 6.36
C LEU A 66 5.00 -6.10 5.52
N PRO A 67 6.01 -5.27 5.84
CA PRO A 67 7.22 -5.22 5.02
C PRO A 67 7.99 -6.55 5.06
N PRO A 68 8.26 -7.22 6.20
CA PRO A 68 8.82 -8.61 6.23
C PRO A 68 8.07 -9.60 5.44
N LEU A 69 6.71 -9.64 5.60
CA LEU A 69 5.88 -10.63 4.91
C LEU A 69 5.84 -10.35 3.36
N CYS A 70 6.06 -9.11 2.89
CA CYS A 70 6.36 -8.80 1.50
C CYS A 70 7.82 -9.07 0.98
N GLU A 71 8.78 -9.49 1.84
CA GLU A 71 10.10 -10.03 1.56
C GLU A 71 10.02 -11.55 1.33
N GLU A 72 9.24 -12.29 2.12
CA GLU A 72 8.71 -13.67 1.88
C GLU A 72 8.04 -13.97 0.58
N LYS A 73 7.28 -12.98 0.12
CA LYS A 73 6.37 -13.13 -0.98
C LYS A 73 6.71 -12.32 -2.28
N GLU A 74 7.79 -11.47 -2.27
CA GLU A 74 8.28 -10.72 -3.46
C GLU A 74 7.26 -9.66 -3.93
N ILE A 75 6.88 -8.85 -2.96
CA ILE A 75 5.81 -7.87 -3.16
C ILE A 75 6.25 -6.42 -3.01
N PRO A 76 5.97 -5.48 -3.92
CA PRO A 76 6.29 -4.05 -3.77
C PRO A 76 5.42 -3.46 -2.61
N TYR A 77 6.05 -2.67 -1.68
CA TYR A 77 5.37 -1.89 -0.67
C TYR A 77 5.73 -0.42 -0.73
N ILE A 78 4.79 0.42 -0.39
CA ILE A 78 5.05 1.85 -0.28
C ILE A 78 4.32 2.54 0.92
N TYR A 79 5.04 3.52 1.48
CA TYR A 79 4.71 4.36 2.62
C TYR A 79 3.84 5.55 2.15
N VAL A 80 2.83 5.91 2.92
CA VAL A 80 2.04 7.16 2.66
C VAL A 80 1.80 8.02 3.94
N PRO A 81 1.53 9.38 3.82
CA PRO A 81 1.46 10.33 4.96
C PRO A 81 0.33 10.01 6.03
N SER A 82 -0.84 9.50 5.63
CA SER A 82 -1.86 9.14 6.66
C SER A 82 -2.70 7.88 6.34
N LYS A 83 -3.20 7.27 7.42
CA LYS A 83 -4.31 6.34 7.45
C LYS A 83 -5.64 6.99 7.09
N LYS A 84 -5.85 8.24 7.45
CA LYS A 84 -7.13 8.88 7.21
C LYS A 84 -7.45 9.08 5.71
N GLU A 85 -6.50 9.64 5.01
CA GLU A 85 -6.54 9.83 3.55
C GLU A 85 -6.44 8.51 2.74
N LEU A 86 -5.77 7.51 3.27
CA LEU A 86 -5.87 6.13 2.83
C LEU A 86 -7.28 5.51 2.89
N GLY A 87 -7.97 5.77 4.04
CA GLY A 87 -9.42 5.50 4.22
C GLY A 87 -10.32 6.13 3.20
N ALA A 88 -10.18 7.46 3.04
CA ALA A 88 -10.90 8.30 2.02
C ALA A 88 -10.63 7.99 0.53
N ALA A 89 -9.42 7.43 0.18
CA ALA A 89 -9.07 6.89 -1.12
C ALA A 89 -9.83 5.55 -1.33
N ALA A 90 -10.11 4.81 -0.25
CA ALA A 90 -10.79 3.52 -0.36
C ALA A 90 -12.32 3.76 -0.44
N GLY A 91 -12.69 5.05 -0.46
CA GLY A 91 -14.07 5.47 -0.46
C GLY A 91 -14.92 5.11 0.84
N ILE A 92 -14.32 4.60 1.98
CA ILE A 92 -15.03 4.38 3.26
C ILE A 92 -15.07 5.65 4.12
N GLU A 93 -15.79 5.54 5.24
CA GLU A 93 -15.77 6.69 6.24
C GLU A 93 -14.65 6.64 7.27
N VAL A 94 -14.31 5.55 7.98
CA VAL A 94 -13.15 5.49 8.81
C VAL A 94 -11.74 5.52 8.16
N ALA A 95 -10.67 5.52 8.97
CA ALA A 95 -9.30 5.40 8.52
C ALA A 95 -8.87 3.92 8.25
N ALA A 96 -7.93 3.67 7.40
CA ALA A 96 -7.39 2.37 7.09
C ALA A 96 -5.87 2.56 7.27
N ALA A 97 -5.26 1.76 8.15
CA ALA A 97 -3.82 1.74 8.38
C ALA A 97 -3.03 1.08 7.25
N SER A 98 -3.65 0.17 6.48
CA SER A 98 -3.09 -0.30 5.25
C SER A 98 -4.17 -0.73 4.21
N VAL A 99 -3.85 -0.79 2.92
CA VAL A 99 -4.63 -1.23 1.72
C VAL A 99 -3.76 -2.09 0.87
N ALA A 100 -4.32 -3.04 0.03
CA ALA A 100 -3.63 -3.89 -0.96
C ALA A 100 -4.44 -4.00 -2.32
N ILE A 101 -3.74 -4.07 -3.49
CA ILE A 101 -4.43 -4.17 -4.80
C ILE A 101 -4.35 -5.67 -5.16
N ILE A 102 -5.45 -6.23 -5.76
CA ILE A 102 -5.69 -7.60 -6.18
C ILE A 102 -5.57 -7.75 -7.70
N GLU A 103 -6.21 -6.89 -8.44
CA GLU A 103 -6.06 -6.58 -9.88
C GLU A 103 -6.20 -5.02 -10.14
N PRO A 104 -5.25 -4.28 -10.62
CA PRO A 104 -5.41 -2.79 -10.80
C PRO A 104 -6.57 -2.41 -11.76
N GLY A 105 -7.02 -3.35 -12.53
CA GLY A 105 -7.98 -3.15 -13.61
C GLY A 105 -7.54 -2.08 -14.59
N LYS A 106 -8.24 -0.91 -14.66
CA LYS A 106 -7.76 0.33 -15.40
C LYS A 106 -6.39 0.94 -15.00
N ALA A 107 -5.92 0.73 -13.78
CA ALA A 107 -4.63 1.18 -13.26
C ALA A 107 -3.46 0.20 -13.34
N ARG A 108 -3.53 -0.73 -14.27
CA ARG A 108 -2.40 -1.74 -14.46
C ARG A 108 -1.07 -1.05 -14.90
N ASP A 109 -1.04 -0.16 -15.89
CA ASP A 109 0.22 0.41 -16.39
C ASP A 109 0.70 1.48 -15.49
N LEU A 110 -0.10 2.06 -14.62
CA LEU A 110 0.31 2.93 -13.55
C LEU A 110 0.90 2.20 -12.33
N VAL A 111 0.30 1.03 -12.01
CA VAL A 111 0.81 0.15 -10.97
C VAL A 111 2.15 -0.44 -11.36
N GLU A 112 2.35 -0.61 -12.65
CA GLU A 112 3.60 -1.10 -13.17
C GLU A 112 4.70 -0.04 -12.96
N GLU A 113 4.43 1.29 -13.10
CA GLU A 113 5.50 2.31 -13.05
C GLU A 113 5.90 2.57 -11.62
N ILE A 114 4.93 2.56 -10.69
CA ILE A 114 5.17 2.62 -9.27
C ILE A 114 5.88 1.36 -8.74
N ALA A 115 5.44 0.13 -9.12
CA ALA A 115 6.18 -1.04 -8.66
C ALA A 115 7.64 -1.11 -9.04
N MET A 116 8.01 -0.87 -10.30
CA MET A 116 9.39 -0.95 -10.72
C MET A 116 10.32 0.19 -10.21
N LYS A 117 9.73 1.29 -9.87
CA LYS A 117 10.49 2.41 -9.20
C LYS A 117 10.78 2.04 -7.69
N VAL A 118 9.76 1.52 -7.02
CA VAL A 118 9.82 0.96 -5.62
C VAL A 118 10.86 -0.24 -5.45
N LYS A 119 11.13 -0.98 -6.48
CA LYS A 119 12.22 -2.00 -6.54
C LYS A 119 13.65 -1.42 -6.24
N GLU A 120 13.99 -0.17 -6.64
CA GLU A 120 15.40 0.29 -6.55
C GLU A 120 15.71 1.06 -5.25
N LEU A 121 14.87 1.94 -4.77
CA LEU A 121 15.04 2.77 -3.65
C LEU A 121 14.99 1.96 -2.27
N MET A 122 14.50 0.74 -2.27
CA MET A 122 14.39 -0.31 -1.17
C MET A 122 15.78 -1.11 -1.02
N LYS A 123 16.65 -1.02 -1.93
CA LYS A 123 17.94 -1.75 -1.96
C LYS A 123 19.05 -0.94 -1.34
N LYS A 3 7.46 9.69 13.85
CA LYS A 3 8.05 9.04 12.64
C LYS A 3 8.40 7.53 12.91
N PRO A 4 8.16 6.56 12.05
CA PRO A 4 8.11 5.19 12.44
C PRO A 4 9.50 4.58 12.39
N SER A 5 9.66 3.46 13.05
CA SER A 5 10.79 2.56 13.08
C SER A 5 10.74 1.48 12.01
N TYR A 6 9.57 1.24 11.39
CA TYR A 6 9.39 0.28 10.35
C TYR A 6 9.75 0.86 8.94
N VAL A 7 9.93 2.18 8.74
CA VAL A 7 10.29 2.68 7.34
C VAL A 7 11.83 2.40 7.09
N LYS A 8 12.14 1.82 5.87
CA LYS A 8 13.43 1.37 5.41
C LYS A 8 14.09 2.35 4.44
N PHE A 9 13.21 3.10 3.77
CA PHE A 9 13.47 4.25 2.89
C PHE A 9 12.53 5.49 3.14
N GLU A 10 13.08 6.76 2.86
CA GLU A 10 12.20 7.95 2.87
C GLU A 10 11.54 8.07 1.47
N VAL A 11 10.48 8.86 1.36
CA VAL A 11 9.68 9.10 0.12
C VAL A 11 9.39 10.63 0.05
N PRO A 12 9.40 11.26 -1.12
CA PRO A 12 9.19 12.72 -1.24
C PRO A 12 7.65 13.00 -1.27
N LYS A 13 7.12 14.07 -1.88
CA LYS A 13 5.64 14.35 -2.03
C LYS A 13 5.10 13.30 -3.00
N GLU A 14 5.84 13.07 -4.05
CA GLU A 14 5.57 12.10 -5.12
C GLU A 14 5.86 10.61 -4.76
N LEU A 15 5.48 9.68 -5.69
CA LEU A 15 5.27 8.19 -5.48
C LEU A 15 4.17 7.88 -4.46
N ALA A 16 4.14 8.58 -3.31
CA ALA A 16 3.09 8.53 -2.30
C ALA A 16 1.80 9.25 -2.83
N GLU A 17 1.96 10.35 -3.58
CA GLU A 17 0.84 10.91 -4.33
C GLU A 17 0.33 9.98 -5.44
N LYS A 18 1.25 9.22 -6.18
CA LYS A 18 0.91 8.38 -7.31
C LYS A 18 0.25 7.01 -6.91
N ALA A 19 0.63 6.44 -5.75
CA ALA A 19 -0.05 5.39 -5.12
C ALA A 19 -1.47 5.80 -4.81
N LEU A 20 -1.64 6.95 -4.03
CA LEU A 20 -2.94 7.37 -3.49
C LEU A 20 -4.03 7.45 -4.56
N GLN A 21 -3.72 7.97 -5.78
CA GLN A 21 -4.63 7.99 -6.94
C GLN A 21 -4.91 6.73 -7.71
N ALA A 22 -3.95 5.74 -7.68
CA ALA A 22 -4.14 4.35 -8.10
C ALA A 22 -5.26 3.73 -7.22
N VAL A 23 -5.21 3.95 -5.89
CA VAL A 23 -6.17 3.19 -5.00
C VAL A 23 -7.62 3.47 -5.44
N GLU A 24 -8.00 4.69 -5.93
CA GLU A 24 -9.36 5.11 -6.27
C GLU A 24 -9.88 4.34 -7.55
N ILE A 25 -9.11 4.37 -8.63
CA ILE A 25 -9.48 3.76 -9.92
C ILE A 25 -9.40 2.23 -9.85
N ALA A 26 -8.70 1.61 -8.90
CA ALA A 26 -8.75 0.16 -8.64
C ALA A 26 -9.88 -0.17 -7.73
N ARG A 27 -10.63 0.81 -7.20
CA ARG A 27 -11.81 0.55 -6.41
C ARG A 27 -13.07 0.65 -7.35
N ASP A 28 -13.32 1.80 -8.02
CA ASP A 28 -14.56 1.89 -8.89
C ASP A 28 -14.45 1.06 -10.23
N THR A 29 -13.29 0.64 -10.63
CA THR A 29 -13.06 -0.03 -11.90
C THR A 29 -12.11 -1.24 -11.74
N GLY A 30 -11.71 -1.75 -10.57
CA GLY A 30 -10.90 -2.96 -10.31
C GLY A 30 -11.31 -3.69 -9.05
N LYS A 31 -10.43 -4.48 -8.44
CA LYS A 31 -10.59 -5.32 -7.27
C LYS A 31 -9.53 -5.07 -6.19
N ILE A 32 -9.98 -4.87 -4.94
CA ILE A 32 -9.14 -4.27 -3.85
C ILE A 32 -9.49 -4.73 -2.50
N ARG A 33 -8.53 -4.66 -1.59
CA ARG A 33 -8.58 -5.21 -0.23
C ARG A 33 -8.16 -4.19 0.84
N LYS A 34 -8.99 -3.97 1.83
CA LYS A 34 -8.77 -2.81 2.68
C LYS A 34 -8.93 -3.08 4.15
N GLY A 35 -8.07 -2.46 4.92
CA GLY A 35 -7.78 -2.73 6.34
C GLY A 35 -6.55 -3.64 6.49
N THR A 36 -5.92 -3.58 7.64
CA THR A 36 -4.79 -4.47 7.99
C THR A 36 -5.14 -5.96 7.86
N ASN A 37 -6.19 -6.51 8.47
CA ASN A 37 -6.41 -7.98 8.43
C ASN A 37 -6.56 -8.45 6.99
N GLU A 38 -7.37 -7.82 6.12
CA GLU A 38 -7.58 -8.12 4.71
C GLU A 38 -6.21 -7.90 3.93
N THR A 39 -5.37 -6.87 4.25
CA THR A 39 -4.05 -6.59 3.72
C THR A 39 -3.14 -7.80 4.03
N THR A 40 -3.17 -8.24 5.31
CA THR A 40 -2.43 -9.36 5.77
C THR A 40 -2.77 -10.60 4.98
N LYS A 41 -4.03 -10.87 4.83
CA LYS A 41 -4.51 -12.17 4.20
C LYS A 41 -4.40 -12.03 2.61
N ALA A 42 -4.39 -10.80 2.05
CA ALA A 42 -4.24 -10.61 0.64
C ALA A 42 -2.74 -10.96 0.28
N VAL A 43 -1.79 -10.66 1.13
CA VAL A 43 -0.37 -10.94 0.98
C VAL A 43 -0.01 -12.37 1.44
N GLU A 44 -0.43 -12.74 2.65
CA GLU A 44 -0.34 -14.14 3.13
C GLU A 44 -0.76 -15.31 2.14
N ARG A 45 -1.83 -15.09 1.40
CA ARG A 45 -2.33 -16.05 0.42
C ARG A 45 -1.62 -16.10 -0.95
N GLY A 46 -0.45 -15.44 -1.07
CA GLY A 46 0.60 -15.82 -2.04
C GLY A 46 0.63 -15.08 -3.28
N GLN A 47 -0.29 -14.20 -3.66
CA GLN A 47 -0.15 -13.25 -4.69
C GLN A 47 -1.01 -11.99 -4.53
N ALA A 48 -0.44 -10.79 -4.74
CA ALA A 48 -1.05 -9.50 -4.86
C ALA A 48 -0.33 -8.73 -6.02
N LYS A 49 -0.68 -7.45 -6.20
CA LYS A 49 -0.16 -6.51 -7.19
C LYS A 49 0.60 -5.30 -6.53
N LEU A 50 0.07 -4.71 -5.47
CA LEU A 50 0.76 -3.65 -4.68
C LEU A 50 0.19 -3.61 -3.29
N VAL A 51 0.97 -3.18 -2.28
CA VAL A 51 0.53 -2.94 -0.89
C VAL A 51 0.99 -1.55 -0.37
N ILE A 52 0.10 -0.86 0.32
CA ILE A 52 0.31 0.58 0.68
C ILE A 52 0.10 0.80 2.16
N ILE A 53 0.90 1.44 2.98
CA ILE A 53 0.68 1.55 4.45
C ILE A 53 0.91 3.00 4.94
N ALA A 54 0.30 3.45 6.05
CA ALA A 54 0.62 4.79 6.59
C ALA A 54 1.95 4.92 7.42
N GLU A 55 2.31 6.18 7.74
CA GLU A 55 3.41 6.63 8.47
C GLU A 55 2.98 7.16 9.87
N ASP A 56 1.77 7.73 10.06
CA ASP A 56 1.19 8.19 11.37
C ASP A 56 0.52 7.09 12.24
N VAL A 57 0.90 5.87 12.05
CA VAL A 57 0.31 4.71 12.72
C VAL A 57 0.66 4.77 14.25
N ASP A 58 -0.17 4.39 15.20
CA ASP A 58 0.05 4.41 16.63
C ASP A 58 -0.96 3.36 17.33
N PRO A 59 -0.50 2.21 17.87
CA PRO A 59 0.88 1.70 17.98
C PRO A 59 1.46 1.46 16.60
N GLU A 60 2.85 1.65 16.42
CA GLU A 60 3.51 1.45 15.14
C GLU A 60 3.79 0.04 14.75
N GLU A 61 3.92 -0.81 15.72
CA GLU A 61 4.09 -2.24 15.43
C GLU A 61 3.00 -2.92 14.53
N ILE A 62 1.74 -2.36 14.54
CA ILE A 62 0.62 -3.07 14.00
C ILE A 62 0.67 -3.22 12.56
N VAL A 63 1.58 -2.56 11.80
CA VAL A 63 1.89 -2.71 10.36
C VAL A 63 3.32 -3.16 10.11
N ALA A 64 4.14 -3.36 11.15
CA ALA A 64 5.52 -3.75 10.99
C ALA A 64 5.76 -5.14 10.53
N HIS A 65 4.76 -6.06 10.61
CA HIS A 65 4.83 -7.47 10.07
C HIS A 65 4.84 -7.47 8.53
N LEU A 66 4.35 -6.38 7.96
CA LEU A 66 4.01 -6.35 6.55
C LEU A 66 5.21 -6.17 5.71
N PRO A 67 6.12 -5.27 6.00
CA PRO A 67 7.33 -5.31 5.18
C PRO A 67 8.11 -6.63 5.19
N PRO A 68 8.26 -7.31 6.38
CA PRO A 68 8.73 -8.70 6.46
C PRO A 68 8.00 -9.72 5.63
N LEU A 69 6.68 -9.60 5.55
CA LEU A 69 5.82 -10.56 4.78
C LEU A 69 5.95 -10.27 3.23
N CYS A 70 6.21 -9.01 2.94
CA CYS A 70 6.57 -8.54 1.63
C CYS A 70 7.96 -9.03 1.19
N GLU A 71 8.93 -9.18 2.06
CA GLU A 71 10.24 -9.86 1.86
C GLU A 71 10.05 -11.41 1.67
N GLU A 72 9.04 -12.07 2.25
CA GLU A 72 8.79 -13.53 2.04
C GLU A 72 7.98 -13.83 0.76
N LYS A 73 6.90 -13.08 0.55
CA LYS A 73 6.00 -13.21 -0.55
C LYS A 73 6.45 -12.43 -1.80
N GLU A 74 7.48 -11.55 -1.69
CA GLU A 74 8.09 -10.68 -2.76
C GLU A 74 7.11 -9.80 -3.60
N ILE A 75 6.05 -9.33 -2.90
CA ILE A 75 5.15 -8.27 -3.41
C ILE A 75 5.78 -6.86 -3.14
N PRO A 76 5.75 -5.91 -4.07
CA PRO A 76 6.21 -4.52 -3.89
C PRO A 76 5.38 -3.73 -2.83
N TYR A 77 6.03 -2.85 -2.05
CA TYR A 77 5.30 -2.14 -1.00
C TYR A 77 5.76 -0.66 -1.01
N ILE A 78 4.92 0.30 -0.51
CA ILE A 78 5.12 1.74 -0.43
C ILE A 78 4.37 2.41 0.78
N TYR A 79 5.00 3.47 1.37
CA TYR A 79 4.43 4.28 2.49
C TYR A 79 3.68 5.47 1.98
N VAL A 80 2.66 6.00 2.69
CA VAL A 80 2.02 7.21 2.47
C VAL A 80 1.91 7.98 3.85
N PRO A 81 1.56 9.26 3.76
CA PRO A 81 1.87 10.07 4.97
C PRO A 81 0.98 9.68 6.25
N SER A 82 -0.35 9.42 6.08
CA SER A 82 -1.39 9.18 7.02
C SER A 82 -2.55 8.35 6.55
N LYS A 83 -3.09 7.62 7.48
CA LYS A 83 -4.17 6.61 7.32
C LYS A 83 -5.54 7.13 7.00
N LYS A 84 -5.85 8.34 7.34
CA LYS A 84 -7.13 8.98 7.08
C LYS A 84 -7.38 9.18 5.57
N GLU A 85 -6.45 9.79 4.85
CA GLU A 85 -6.64 9.97 3.37
C GLU A 85 -6.45 8.68 2.61
N LEU A 86 -5.65 7.74 3.15
CA LEU A 86 -5.70 6.37 2.62
C LEU A 86 -7.12 5.67 2.75
N GLY A 87 -7.81 5.95 3.87
CA GLY A 87 -9.23 5.58 4.04
C GLY A 87 -10.18 6.25 3.08
N ALA A 88 -9.85 7.50 2.75
CA ALA A 88 -10.63 8.38 1.87
C ALA A 88 -10.65 7.89 0.46
N ALA A 89 -9.53 7.37 -0.03
CA ALA A 89 -9.32 6.84 -1.36
C ALA A 89 -9.77 5.32 -1.53
N ALA A 90 -9.69 4.60 -0.40
CA ALA A 90 -10.36 3.34 -0.23
C ALA A 90 -11.84 3.49 0.04
N GLY A 91 -12.38 4.69 -0.02
CA GLY A 91 -13.75 5.06 -0.35
C GLY A 91 -14.68 5.08 0.88
N ILE A 92 -14.16 5.31 2.07
CA ILE A 92 -14.81 5.33 3.35
C ILE A 92 -14.55 6.59 4.21
N GLU A 93 -15.25 6.83 5.27
CA GLU A 93 -15.15 8.05 6.13
C GLU A 93 -14.23 7.72 7.31
N VAL A 94 -13.91 6.49 7.63
CA VAL A 94 -12.89 6.18 8.68
C VAL A 94 -11.48 5.88 8.19
N ALA A 95 -10.43 5.89 9.05
CA ALA A 95 -9.13 5.68 8.49
C ALA A 95 -8.83 4.18 8.16
N ALA A 96 -7.86 3.96 7.24
CA ALA A 96 -7.29 2.68 6.92
C ALA A 96 -5.81 2.75 7.08
N ALA A 97 -5.16 2.02 7.92
CA ALA A 97 -3.69 1.93 8.08
C ALA A 97 -2.96 0.98 7.08
N SER A 98 -3.69 0.29 6.15
CA SER A 98 -3.21 -0.55 5.11
C SER A 98 -4.30 -0.90 4.06
N VAL A 99 -3.83 -1.08 2.81
CA VAL A 99 -4.74 -1.44 1.69
C VAL A 99 -3.93 -2.17 0.59
N ALA A 100 -4.51 -3.11 -0.24
CA ALA A 100 -3.79 -4.04 -1.11
C ALA A 100 -4.52 -4.24 -2.48
N ILE A 101 -3.82 -4.13 -3.66
CA ILE A 101 -4.38 -4.23 -4.99
C ILE A 101 -4.39 -5.69 -5.42
N ILE A 102 -5.52 -6.21 -6.05
CA ILE A 102 -5.67 -7.60 -6.55
C ILE A 102 -5.92 -7.68 -8.08
N GLU A 103 -6.87 -6.90 -8.58
CA GLU A 103 -7.06 -6.66 -10.01
C GLU A 103 -6.97 -5.12 -10.27
N PRO A 104 -5.85 -4.54 -10.81
CA PRO A 104 -5.68 -3.06 -10.83
C PRO A 104 -6.78 -2.23 -11.59
N GLY A 105 -7.69 -2.91 -12.27
CA GLY A 105 -8.68 -2.29 -13.19
C GLY A 105 -8.05 -1.39 -14.25
N LYS A 106 -8.49 -0.16 -14.33
CA LYS A 106 -7.84 0.81 -15.14
C LYS A 106 -6.29 1.15 -14.91
N ALA A 107 -5.75 0.78 -13.78
CA ALA A 107 -4.44 1.25 -13.32
C ALA A 107 -3.34 0.28 -13.71
N ARG A 108 -3.58 -0.62 -14.74
CA ARG A 108 -2.61 -1.54 -15.22
C ARG A 108 -1.17 -1.06 -15.39
N ASP A 109 -1.07 0.03 -16.15
CA ASP A 109 0.29 0.54 -16.38
C ASP A 109 0.78 1.58 -15.39
N LEU A 110 -0.19 2.21 -14.66
CA LEU A 110 0.07 3.13 -13.55
C LEU A 110 0.80 2.40 -12.39
N VAL A 111 0.27 1.18 -12.09
CA VAL A 111 0.79 0.39 -10.99
C VAL A 111 2.14 -0.24 -11.37
N GLU A 112 2.33 -0.54 -12.69
CA GLU A 112 3.58 -1.08 -13.25
C GLU A 112 4.78 -0.12 -13.18
N GLU A 113 4.47 1.18 -13.37
CA GLU A 113 5.49 2.26 -13.18
C GLU A 113 5.73 2.48 -11.66
N ILE A 114 4.75 2.48 -10.74
CA ILE A 114 4.99 2.59 -9.35
C ILE A 114 5.89 1.46 -8.81
N ALA A 115 5.66 0.21 -9.13
CA ALA A 115 6.43 -0.94 -8.62
C ALA A 115 7.87 -1.01 -9.20
N MET A 116 8.00 -0.53 -10.47
CA MET A 116 9.31 -0.36 -11.14
C MET A 116 10.05 0.78 -10.36
N LYS A 117 9.45 1.95 -10.16
CA LYS A 117 10.22 3.06 -9.53
C LYS A 117 10.50 2.99 -8.01
N VAL A 118 9.71 2.19 -7.31
CA VAL A 118 9.98 1.89 -5.90
C VAL A 118 11.08 0.79 -5.80
N LYS A 119 11.34 -0.01 -6.85
CA LYS A 119 12.28 -1.16 -6.73
C LYS A 119 13.74 -0.81 -6.21
N GLU A 120 14.27 0.27 -6.76
CA GLU A 120 15.61 0.80 -6.45
C GLU A 120 15.77 1.48 -5.01
N LEU A 121 14.62 1.85 -4.36
CA LEU A 121 14.45 2.33 -2.97
C LEU A 121 14.74 1.17 -1.94
N MET A 122 14.34 -0.06 -2.24
CA MET A 122 14.51 -1.26 -1.41
C MET A 122 15.92 -1.90 -1.60
N LYS A 123 16.92 -1.05 -1.79
CA LYS A 123 18.30 -1.47 -2.11
C LYS A 123 19.38 -0.60 -1.55
N LYS A 3 7.82 10.17 12.02
CA LYS A 3 8.44 9.08 11.22
C LYS A 3 8.47 7.78 12.10
N PRO A 4 7.77 6.70 11.57
CA PRO A 4 7.70 5.38 12.14
C PRO A 4 9.06 4.72 12.02
N SER A 5 9.31 3.70 12.84
CA SER A 5 10.47 2.83 12.89
C SER A 5 10.61 1.77 11.81
N TYR A 6 9.49 1.51 11.14
CA TYR A 6 9.34 0.55 10.00
C TYR A 6 9.62 1.02 8.59
N VAL A 7 9.94 2.32 8.37
CA VAL A 7 10.25 2.83 6.96
C VAL A 7 11.72 2.36 6.62
N LYS A 8 11.79 1.46 5.64
CA LYS A 8 13.03 0.98 4.98
C LYS A 8 13.67 1.94 3.98
N PHE A 9 12.99 2.96 3.57
CA PHE A 9 13.42 4.10 2.65
C PHE A 9 12.58 5.35 2.90
N GLU A 10 13.20 6.55 2.74
CA GLU A 10 12.40 7.82 2.67
C GLU A 10 11.62 7.96 1.36
N VAL A 11 10.54 8.76 1.39
CA VAL A 11 9.68 8.86 0.18
C VAL A 11 9.56 10.43 -0.04
N PRO A 12 9.67 10.97 -1.25
CA PRO A 12 9.40 12.43 -1.56
C PRO A 12 7.88 12.88 -1.74
N LYS A 13 7.62 14.09 -2.29
CA LYS A 13 6.29 14.51 -2.76
C LYS A 13 5.85 13.72 -4.01
N GLU A 14 6.83 13.12 -4.78
CA GLU A 14 6.57 12.03 -5.78
C GLU A 14 6.30 10.69 -5.08
N LEU A 15 6.08 9.63 -5.88
CA LEU A 15 5.79 8.26 -5.43
C LEU A 15 4.47 8.10 -4.59
N ALA A 16 4.31 8.60 -3.37
CA ALA A 16 3.22 8.42 -2.40
C ALA A 16 1.91 9.08 -2.87
N GLU A 17 1.93 10.29 -3.45
CA GLU A 17 0.73 10.95 -3.94
C GLU A 17 0.17 10.23 -5.16
N LYS A 18 0.97 9.63 -6.11
CA LYS A 18 0.51 8.75 -7.21
C LYS A 18 0.00 7.41 -6.64
N ALA A 19 0.69 6.76 -5.67
CA ALA A 19 0.20 5.52 -5.07
C ALA A 19 -1.20 5.64 -4.50
N LEU A 20 -1.40 6.73 -3.70
CA LEU A 20 -2.68 7.22 -3.12
C LEU A 20 -3.77 7.34 -4.20
N GLN A 21 -3.53 8.21 -5.25
CA GLN A 21 -4.52 8.28 -6.35
C GLN A 21 -4.60 7.05 -7.28
N ALA A 22 -3.73 6.04 -7.07
CA ALA A 22 -3.98 4.78 -7.84
C ALA A 22 -4.96 3.92 -7.07
N VAL A 23 -5.13 4.11 -5.73
CA VAL A 23 -6.23 3.31 -4.99
C VAL A 23 -7.62 3.64 -5.53
N GLU A 24 -7.86 4.91 -5.93
CA GLU A 24 -9.12 5.43 -6.33
C GLU A 24 -9.75 4.78 -7.55
N ILE A 25 -8.94 4.30 -8.45
CA ILE A 25 -9.32 3.73 -9.77
C ILE A 25 -9.28 2.18 -9.64
N ALA A 26 -8.44 1.66 -8.74
CA ALA A 26 -8.54 0.23 -8.38
C ALA A 26 -9.83 -0.02 -7.62
N ARG A 27 -10.40 0.92 -6.86
CA ARG A 27 -11.68 0.86 -6.10
C ARG A 27 -12.84 0.38 -6.91
N ASP A 28 -12.94 0.68 -8.21
CA ASP A 28 -14.12 0.30 -9.06
C ASP A 28 -13.84 -0.42 -10.46
N THR A 29 -12.83 0.02 -11.14
CA THR A 29 -12.38 -0.77 -12.27
C THR A 29 -11.59 -2.07 -11.90
N GLY A 30 -11.19 -2.26 -10.63
CA GLY A 30 -10.26 -3.43 -10.27
C GLY A 30 -10.87 -4.17 -9.01
N LYS A 31 -9.94 -4.67 -8.16
CA LYS A 31 -10.21 -5.30 -6.87
C LYS A 31 -9.30 -4.72 -5.78
N ILE A 32 -9.81 -4.48 -4.57
CA ILE A 32 -9.09 -3.95 -3.35
C ILE A 32 -9.23 -4.82 -2.11
N ARG A 33 -8.35 -4.56 -1.11
CA ARG A 33 -8.53 -4.88 0.31
C ARG A 33 -8.12 -3.64 1.18
N LYS A 34 -8.92 -3.42 2.20
CA LYS A 34 -8.94 -2.19 3.02
C LYS A 34 -9.22 -2.40 4.56
N GLY A 35 -8.11 -2.10 5.29
CA GLY A 35 -7.83 -2.44 6.65
C GLY A 35 -6.77 -3.60 6.68
N THR A 36 -6.13 -3.59 7.82
CA THR A 36 -4.93 -4.35 7.98
C THR A 36 -5.16 -5.90 8.05
N ASN A 37 -6.23 -6.34 8.70
CA ASN A 37 -6.58 -7.72 8.83
C ASN A 37 -6.99 -8.32 7.46
N GLU A 38 -7.83 -7.68 6.64
CA GLU A 38 -7.99 -8.14 5.20
C GLU A 38 -6.77 -7.99 4.28
N THR A 39 -5.92 -7.08 4.62
CA THR A 39 -4.66 -6.98 3.91
C THR A 39 -3.67 -8.08 4.18
N THR A 40 -3.48 -8.45 5.40
CA THR A 40 -2.56 -9.43 5.94
C THR A 40 -2.90 -10.82 5.35
N LYS A 41 -4.19 -11.14 5.41
CA LYS A 41 -4.77 -12.29 4.77
C LYS A 41 -4.77 -12.30 3.22
N ALA A 42 -4.56 -11.17 2.56
CA ALA A 42 -4.39 -11.16 1.11
C ALA A 42 -2.91 -11.17 0.62
N VAL A 43 -1.95 -10.72 1.43
CA VAL A 43 -0.53 -10.99 0.98
C VAL A 43 -0.12 -12.42 1.18
N GLU A 44 -0.45 -12.86 2.41
CA GLU A 44 -0.18 -14.29 2.78
C GLU A 44 -0.77 -15.33 1.78
N ARG A 45 -1.85 -15.04 1.08
CA ARG A 45 -2.59 -15.95 0.16
C ARG A 45 -1.73 -16.46 -1.09
N GLY A 46 -0.68 -15.77 -1.37
CA GLY A 46 0.37 -16.04 -2.40
C GLY A 46 0.65 -14.92 -3.34
N GLN A 47 -0.32 -14.06 -3.66
CA GLN A 47 -0.14 -12.92 -4.58
C GLN A 47 -1.08 -11.77 -4.27
N ALA A 48 -0.55 -10.54 -4.41
CA ALA A 48 -1.22 -9.24 -4.59
C ALA A 48 -0.38 -8.48 -5.65
N LYS A 49 -0.81 -7.29 -6.12
CA LYS A 49 -0.03 -6.38 -7.05
C LYS A 49 0.75 -5.30 -6.29
N LEU A 50 0.18 -4.62 -5.29
CA LEU A 50 0.86 -3.60 -4.44
C LEU A 50 0.26 -3.42 -3.07
N VAL A 51 0.97 -3.16 -1.93
CA VAL A 51 0.38 -2.77 -0.63
C VAL A 51 0.91 -1.41 -0.20
N ILE A 52 -0.06 -0.79 0.40
CA ILE A 52 0.05 0.59 0.85
C ILE A 52 0.00 0.63 2.44
N ILE A 53 0.89 1.34 3.09
CA ILE A 53 1.03 1.44 4.55
C ILE A 53 1.22 2.96 4.80
N ALA A 54 0.59 3.48 5.87
CA ALA A 54 0.72 4.89 6.16
C ALA A 54 1.99 5.23 7.00
N GLU A 55 2.34 6.55 7.19
CA GLU A 55 3.42 7.00 8.05
C GLU A 55 2.97 7.63 9.41
N ASP A 56 1.79 7.26 9.83
CA ASP A 56 1.19 7.86 11.04
C ASP A 56 0.28 6.80 11.88
N VAL A 57 0.47 5.49 11.63
CA VAL A 57 -0.21 4.42 12.39
C VAL A 57 0.31 4.37 13.82
N ASP A 58 -0.61 4.17 14.73
CA ASP A 58 -0.37 4.29 16.15
C ASP A 58 -1.28 3.36 17.05
N PRO A 59 -0.77 2.28 17.75
CA PRO A 59 0.68 1.88 17.84
C PRO A 59 1.26 1.48 16.52
N GLU A 60 2.36 2.09 16.07
CA GLU A 60 3.05 1.81 14.83
C GLU A 60 3.42 0.34 14.62
N GLU A 61 3.47 -0.45 15.73
CA GLU A 61 3.75 -1.83 15.75
C GLU A 61 2.65 -2.62 15.06
N ILE A 62 1.38 -2.22 15.09
CA ILE A 62 0.27 -3.02 14.41
C ILE A 62 0.34 -3.26 12.88
N VAL A 63 1.43 -2.79 12.21
CA VAL A 63 1.71 -2.92 10.70
C VAL A 63 3.11 -3.32 10.33
N ALA A 64 4.02 -3.38 11.24
CA ALA A 64 5.43 -3.66 10.95
C ALA A 64 5.73 -5.02 10.27
N HIS A 65 4.84 -5.99 10.37
CA HIS A 65 4.90 -7.35 9.86
C HIS A 65 4.63 -7.46 8.33
N LEU A 66 4.02 -6.42 7.75
CA LEU A 66 3.75 -6.27 6.26
C LEU A 66 5.05 -6.29 5.43
N PRO A 67 6.02 -5.35 5.55
CA PRO A 67 7.21 -5.44 4.68
C PRO A 67 7.99 -6.82 4.71
N PRO A 68 8.05 -7.54 5.89
CA PRO A 68 8.70 -8.85 6.03
C PRO A 68 7.77 -9.90 5.35
N LEU A 69 6.46 -9.85 5.43
CA LEU A 69 5.57 -10.73 4.61
C LEU A 69 5.77 -10.54 3.09
N CYS A 70 5.96 -9.27 2.61
CA CYS A 70 6.09 -9.02 1.23
C CYS A 70 7.47 -9.39 0.72
N GLU A 71 8.52 -9.37 1.55
CA GLU A 71 9.77 -10.10 1.26
C GLU A 71 9.64 -11.64 1.04
N GLU A 72 8.75 -12.31 1.85
CA GLU A 72 8.49 -13.74 1.69
C GLU A 72 7.86 -14.14 0.32
N LYS A 73 7.10 -13.17 -0.16
CA LYS A 73 6.24 -13.30 -1.41
C LYS A 73 6.69 -12.59 -2.66
N GLU A 74 7.71 -11.76 -2.58
CA GLU A 74 8.18 -10.85 -3.64
C GLU A 74 7.17 -9.78 -4.08
N ILE A 75 6.47 -9.21 -3.13
CA ILE A 75 5.40 -8.18 -3.27
C ILE A 75 5.90 -6.75 -3.20
N PRO A 76 5.48 -5.78 -4.04
CA PRO A 76 5.73 -4.40 -3.86
C PRO A 76 4.99 -3.81 -2.70
N TYR A 77 5.66 -3.00 -1.89
CA TYR A 77 5.07 -2.21 -0.79
C TYR A 77 5.50 -0.72 -0.78
N ILE A 78 4.73 0.26 -0.23
CA ILE A 78 5.07 1.69 -0.18
C ILE A 78 4.48 2.26 1.07
N TYR A 79 5.07 3.35 1.49
CA TYR A 79 4.68 4.33 2.52
C TYR A 79 4.00 5.64 1.98
N VAL A 80 2.94 6.08 2.67
CA VAL A 80 2.15 7.29 2.41
C VAL A 80 1.91 8.09 3.69
N PRO A 81 1.79 9.44 3.62
CA PRO A 81 1.71 10.33 4.78
C PRO A 81 0.53 10.23 5.76
N SER A 82 -0.59 9.51 5.53
CA SER A 82 -1.80 9.52 6.28
C SER A 82 -2.62 8.23 6.05
N LYS A 83 -2.96 7.60 7.20
CA LYS A 83 -4.04 6.59 7.21
C LYS A 83 -5.44 7.07 7.00
N LYS A 84 -5.79 8.35 7.17
CA LYS A 84 -7.15 8.81 7.04
C LYS A 84 -7.48 9.07 5.53
N GLU A 85 -6.47 9.66 4.91
CA GLU A 85 -6.41 9.77 3.44
C GLU A 85 -6.41 8.50 2.73
N LEU A 86 -5.71 7.46 3.28
CA LEU A 86 -5.76 6.13 2.74
C LEU A 86 -7.17 5.47 2.81
N GLY A 87 -7.91 5.56 3.89
CA GLY A 87 -9.25 5.12 4.00
C GLY A 87 -10.18 5.88 3.05
N ALA A 88 -10.07 7.24 2.95
CA ALA A 88 -10.90 8.05 2.09
C ALA A 88 -10.67 7.75 0.56
N ALA A 89 -9.42 7.55 0.10
CA ALA A 89 -9.06 6.95 -1.16
C ALA A 89 -9.77 5.62 -1.43
N ALA A 90 -9.87 4.66 -0.49
CA ALA A 90 -10.52 3.40 -0.60
C ALA A 90 -12.05 3.55 -0.46
N GLY A 91 -12.59 4.69 -0.16
CA GLY A 91 -14.03 4.89 -0.09
C GLY A 91 -14.75 4.67 1.23
N ILE A 92 -14.06 4.25 2.30
CA ILE A 92 -14.60 4.18 3.68
C ILE A 92 -14.58 5.58 4.25
N GLU A 93 -15.40 5.78 5.29
CA GLU A 93 -15.60 7.10 6.09
C GLU A 93 -14.39 7.41 7.00
N VAL A 94 -13.83 6.37 7.62
CA VAL A 94 -12.80 6.37 8.64
C VAL A 94 -11.47 6.11 8.04
N ALA A 95 -10.36 6.05 8.86
CA ALA A 95 -9.05 5.68 8.42
C ALA A 95 -8.87 4.16 8.17
N ALA A 96 -7.81 3.96 7.34
CA ALA A 96 -7.28 2.59 7.05
C ALA A 96 -5.77 2.60 7.21
N ALA A 97 -5.22 1.73 8.14
CA ALA A 97 -3.76 1.73 8.39
C ALA A 97 -2.85 1.00 7.32
N SER A 98 -3.51 0.17 6.53
CA SER A 98 -2.92 -0.35 5.30
C SER A 98 -4.04 -0.73 4.29
N VAL A 99 -3.77 -0.84 3.00
CA VAL A 99 -4.72 -1.22 1.91
C VAL A 99 -3.85 -1.94 0.80
N ALA A 100 -4.40 -2.96 0.17
CA ALA A 100 -3.73 -3.75 -0.84
C ALA A 100 -4.52 -3.77 -2.19
N ILE A 101 -3.71 -3.87 -3.29
CA ILE A 101 -4.24 -3.91 -4.67
C ILE A 101 -4.23 -5.38 -5.12
N ILE A 102 -5.44 -5.87 -5.52
CA ILE A 102 -5.62 -7.34 -5.91
C ILE A 102 -5.64 -7.51 -7.48
N GLU A 103 -6.34 -6.59 -8.21
CA GLU A 103 -6.40 -6.51 -9.61
C GLU A 103 -6.52 -5.00 -9.90
N PRO A 104 -5.74 -4.44 -10.88
CA PRO A 104 -5.52 -2.98 -11.11
C PRO A 104 -6.62 -2.24 -11.96
N GLY A 105 -7.31 -2.95 -12.90
CA GLY A 105 -8.33 -2.30 -13.71
C GLY A 105 -7.80 -1.32 -14.76
N LYS A 106 -8.29 -0.05 -14.76
CA LYS A 106 -7.62 1.00 -15.54
C LYS A 106 -6.20 1.31 -15.01
N ALA A 107 -5.83 0.99 -13.75
CA ALA A 107 -4.47 1.29 -13.21
C ALA A 107 -3.35 0.34 -13.75
N ARG A 108 -3.59 -0.46 -14.80
CA ARG A 108 -2.66 -1.50 -15.30
C ARG A 108 -1.21 -0.98 -15.46
N ASP A 109 -1.01 0.19 -15.98
CA ASP A 109 0.26 0.83 -16.27
C ASP A 109 0.76 1.58 -15.01
N LEU A 110 -0.19 2.30 -14.35
CA LEU A 110 0.04 3.13 -13.18
C LEU A 110 0.77 2.34 -12.10
N VAL A 111 0.33 1.11 -11.81
CA VAL A 111 0.75 0.31 -10.67
C VAL A 111 2.08 -0.41 -10.94
N GLU A 112 2.40 -0.64 -12.23
CA GLU A 112 3.74 -1.02 -12.59
C GLU A 112 4.77 0.11 -12.42
N GLU A 113 4.46 1.33 -12.88
CA GLU A 113 5.57 2.43 -12.79
C GLU A 113 5.91 2.78 -11.40
N ILE A 114 4.91 2.63 -10.48
CA ILE A 114 5.23 2.93 -9.07
C ILE A 114 6.04 1.76 -8.45
N ALA A 115 5.69 0.49 -8.77
CA ALA A 115 6.57 -0.58 -8.38
C ALA A 115 8.00 -0.49 -8.93
N MET A 116 8.10 -0.12 -10.21
CA MET A 116 9.37 0.00 -10.93
C MET A 116 10.22 1.09 -10.22
N LYS A 117 9.67 2.19 -9.69
CA LYS A 117 10.40 3.16 -8.89
C LYS A 117 10.74 2.53 -7.50
N VAL A 118 9.80 1.90 -6.74
CA VAL A 118 10.06 1.18 -5.50
C VAL A 118 11.32 0.30 -5.55
N LYS A 119 11.60 -0.39 -6.66
CA LYS A 119 12.71 -1.39 -6.84
C LYS A 119 14.05 -0.75 -6.59
N GLU A 120 14.33 0.46 -7.03
CA GLU A 120 15.60 1.10 -6.81
C GLU A 120 15.74 1.89 -5.56
N LEU A 121 14.63 2.23 -4.90
CA LEU A 121 14.54 2.84 -3.54
C LEU A 121 14.85 1.73 -2.42
N MET A 122 14.24 0.58 -2.55
CA MET A 122 14.38 -0.51 -1.70
C MET A 122 15.78 -1.21 -1.54
N LYS A 123 16.48 -1.27 -2.67
CA LYS A 123 17.84 -1.81 -2.86
C LYS A 123 18.90 -0.97 -2.11
#